data_8TCD
#
_entry.id   8TCD
#
_cell.length_a   47.574
_cell.length_b   112.608
_cell.length_c   209.335
_cell.angle_alpha   90.00
_cell.angle_beta   90.00
_cell.angle_gamma   90.00
#
_symmetry.space_group_name_H-M   'P 21 21 21'
#
loop_
_entity.id
_entity.type
_entity.pdbx_description
1 polymer 'Sugar phosphate isomerase'
2 non-polymer 'COBALT (II) ION'
3 non-polymer GLYCEROL
4 non-polymer 'ACETATE ION'
5 water water
#
_entity_poly.entity_id   1
_entity_poly.type   'polypeptide(L)'
_entity_poly.pdbx_seq_one_letter_code
;MKAKKDAKKDIGIQLYSVRDLIGSFGRNQHDYKPVLKALADMGYTSIEAASYNDGKFYGNTPEEFRRDVEAVGMKVLSSH
CGKGLSDEELASGDFSESMKWWDQCIAAHKAAGMEYIVTPYLPVPKTLKEMQTYCDYLNAIGKKCREAGIKYGYHNHAHE
FQKIEDKAVMLDYMIENTDPENLFIELDVYWAVMGKASPVDYFHKYPGRFKMLHIKDRREIGQSGMVGFDAIFENAKTAG
VENIIVEVEQYSYDVEKSVKLSLDYLLEAPFVKASYSKLEHHHHHH
;
_entity_poly.pdbx_strand_id   B,C,D,A
#
loop_
_chem_comp.id
_chem_comp.type
_chem_comp.name
_chem_comp.formula
ACT non-polymer 'ACETATE ION' 'C2 H3 O2 -1'
CO non-polymer 'COBALT (II) ION' 'Co 2'
GOL non-polymer GLYCEROL 'C3 H8 O3'
#
# COMPACT_ATOMS: atom_id res chain seq x y z
N ALA A 7 -35.89 32.12 -24.56
CA ALA A 7 -35.09 30.94 -24.14
C ALA A 7 -35.01 30.89 -22.61
N LYS A 8 -35.54 29.83 -22.00
CA LYS A 8 -35.62 29.71 -20.53
C LYS A 8 -34.23 29.68 -19.88
N LYS A 9 -33.26 29.02 -20.49
CA LYS A 9 -31.93 28.86 -19.84
C LYS A 9 -30.79 29.24 -20.81
N ASP A 10 -29.67 29.70 -20.27
CA ASP A 10 -28.53 29.98 -21.16
C ASP A 10 -27.76 28.68 -21.34
N ILE A 11 -27.86 28.10 -22.52
CA ILE A 11 -27.11 26.84 -22.80
C ILE A 11 -26.34 26.99 -24.11
N GLY A 12 -25.03 26.74 -24.06
CA GLY A 12 -24.18 26.78 -25.25
C GLY A 12 -24.18 25.53 -26.09
N ILE A 13 -23.82 25.67 -27.36
CA ILE A 13 -23.64 24.47 -28.22
C ILE A 13 -22.20 24.49 -28.80
N GLN A 14 -21.49 23.38 -28.70
CA GLN A 14 -20.19 23.30 -29.40
C GLN A 14 -20.52 22.99 -30.87
N LEU A 15 -19.98 23.76 -31.80
CA LEU A 15 -20.28 23.62 -33.25
C LEU A 15 -19.74 22.28 -33.82
N TYR A 16 -18.77 21.69 -33.13
CA TYR A 16 -18.20 20.38 -33.54
C TYR A 16 -19.35 19.39 -33.53
N SER A 17 -20.32 19.61 -32.65
CA SER A 17 -21.50 18.71 -32.56
C SER A 17 -22.23 18.68 -33.92
N VAL A 18 -22.28 19.81 -34.62
CA VAL A 18 -23.02 19.96 -35.92
C VAL A 18 -22.07 19.96 -37.14
N ARG A 19 -20.86 19.40 -37.02
CA ARG A 19 -19.84 19.46 -38.11
C ARG A 19 -20.39 18.82 -39.40
N ASP A 20 -21.16 17.75 -39.28
CA ASP A 20 -21.78 17.07 -40.46
C ASP A 20 -22.74 18.03 -41.17
N LEU A 21 -23.46 18.86 -40.43
CA LEU A 21 -24.47 19.82 -40.97
C LEU A 21 -23.81 21.03 -41.65
N ILE A 22 -22.50 21.22 -41.48
CA ILE A 22 -21.79 22.32 -42.18
C ILE A 22 -21.11 21.75 -43.44
N GLY A 23 -21.53 22.23 -44.61
CA GLY A 23 -21.06 21.70 -45.91
C GLY A 23 -20.89 22.82 -46.91
N SER A 24 -20.20 22.57 -48.03
CA SER A 24 -20.09 23.57 -49.11
C SER A 24 -21.42 23.89 -49.78
N PHE A 25 -21.74 25.17 -50.06
CA PHE A 25 -22.92 25.51 -50.91
C PHE A 25 -22.38 26.46 -51.95
N GLY A 26 -22.47 26.09 -53.22
CA GLY A 26 -21.85 26.97 -54.23
C GLY A 26 -20.40 27.21 -53.87
N ARG A 27 -19.99 28.48 -53.90
CA ARG A 27 -18.61 28.87 -53.52
C ARG A 27 -18.37 28.59 -52.03
N ASN A 28 -19.37 28.78 -51.16
CA ASN A 28 -19.09 28.67 -49.70
C ASN A 28 -18.59 27.26 -49.39
N GLN A 29 -17.48 27.17 -48.66
CA GLN A 29 -16.89 25.85 -48.33
C GLN A 29 -17.24 25.48 -46.88
N HIS A 30 -17.65 26.48 -46.10
CA HIS A 30 -18.05 26.25 -44.69
C HIS A 30 -19.40 26.96 -44.52
N ASP A 31 -20.46 26.35 -45.05
CA ASP A 31 -21.80 26.99 -45.02
C ASP A 31 -22.48 26.68 -43.67
N TYR A 32 -22.08 27.40 -42.61
CA TYR A 32 -22.63 27.16 -41.25
C TYR A 32 -23.91 27.94 -40.92
N LYS A 33 -24.28 28.89 -41.77
CA LYS A 33 -25.43 29.77 -41.39
C LYS A 33 -26.74 28.97 -41.24
N PRO A 34 -27.07 27.99 -42.09
CA PRO A 34 -28.32 27.27 -41.87
C PRO A 34 -28.36 26.55 -40.54
N VAL A 35 -27.24 25.91 -40.16
CA VAL A 35 -27.18 25.19 -38.85
C VAL A 35 -27.31 26.24 -37.72
N LEU A 36 -26.70 27.40 -37.89
CA LEU A 36 -26.74 28.39 -36.78
C LEU A 36 -28.21 28.74 -36.52
N LYS A 37 -28.97 28.92 -37.60
CA LYS A 37 -30.40 29.27 -37.45
C LYS A 37 -31.13 28.12 -36.75
N ALA A 38 -30.81 26.88 -37.14
CA ALA A 38 -31.50 25.73 -36.54
C ALA A 38 -31.21 25.67 -35.05
N LEU A 39 -29.96 25.89 -34.68
CA LEU A 39 -29.56 25.84 -33.25
C LEU A 39 -30.25 26.93 -32.43
N ALA A 40 -30.32 28.14 -33.00
CA ALA A 40 -31.03 29.25 -32.33
C ALA A 40 -32.52 28.92 -32.18
N ASP A 41 -33.11 28.33 -33.22
CA ASP A 41 -34.56 27.99 -33.21
C ASP A 41 -34.81 26.98 -32.08
N MET A 42 -33.89 26.05 -31.89
CA MET A 42 -33.97 25.02 -30.82
C MET A 42 -33.97 25.72 -29.46
N GLY A 43 -33.25 26.84 -29.33
CA GLY A 43 -33.12 27.51 -28.03
C GLY A 43 -31.71 27.62 -27.49
N TYR A 44 -30.71 27.16 -28.23
CA TYR A 44 -29.32 27.41 -27.77
C TYR A 44 -29.07 28.91 -27.76
N THR A 45 -28.32 29.41 -26.77
CA THR A 45 -28.11 30.87 -26.62
C THR A 45 -26.70 31.29 -26.98
N SER A 46 -25.77 30.34 -27.10
CA SER A 46 -24.38 30.68 -27.40
C SER A 46 -23.71 29.55 -28.17
N ILE A 47 -22.60 29.87 -28.84
CA ILE A 47 -21.83 28.84 -29.50
C ILE A 47 -20.40 28.84 -28.98
N GLU A 48 -19.79 27.67 -29.11
CA GLU A 48 -18.36 27.50 -29.05
C GLU A 48 -17.89 26.96 -30.41
N ALA A 49 -16.97 27.71 -31.00
CA ALA A 49 -16.42 27.38 -32.31
C ALA A 49 -15.43 26.22 -32.21
N ALA A 50 -15.28 25.56 -33.35
CA ALA A 50 -14.31 24.51 -33.52
C ALA A 50 -13.73 24.60 -34.90
N SER A 51 -13.22 25.77 -35.28
CA SER A 51 -12.71 25.95 -36.62
C SER A 51 -11.96 27.27 -36.71
N TYR A 52 -10.78 27.32 -36.09
CA TYR A 52 -10.01 28.54 -36.09
C TYR A 52 -8.74 28.30 -36.90
N ASN A 53 -8.35 29.27 -37.72
CA ASN A 53 -7.17 29.16 -38.56
C ASN A 53 -6.75 30.56 -39.02
N ASP A 54 -5.55 30.98 -38.62
CA ASP A 54 -4.91 32.17 -39.16
C ASP A 54 -5.82 33.40 -39.14
N GLY A 55 -6.40 33.69 -37.97
CA GLY A 55 -7.23 34.87 -37.79
C GLY A 55 -8.66 34.73 -38.29
N LYS A 56 -9.08 33.51 -38.68
CA LYS A 56 -10.37 33.29 -39.31
C LYS A 56 -11.12 32.12 -38.65
N PHE A 57 -12.45 32.20 -38.73
CA PHE A 57 -13.36 31.21 -38.17
C PHE A 57 -14.20 30.65 -39.31
N TYR A 58 -14.11 29.33 -39.55
CA TYR A 58 -14.84 28.69 -40.63
C TYR A 58 -14.49 29.39 -41.95
N GLY A 59 -13.23 29.84 -42.08
CA GLY A 59 -12.77 30.46 -43.32
C GLY A 59 -13.25 31.90 -43.47
N ASN A 60 -13.90 32.45 -42.45
CA ASN A 60 -14.44 33.79 -42.45
C ASN A 60 -13.71 34.72 -41.49
N THR A 61 -13.81 36.04 -41.72
CA THR A 61 -13.34 37.02 -40.76
C THR A 61 -14.06 36.83 -39.43
N PRO A 62 -13.39 37.12 -38.30
CA PRO A 62 -14.06 37.16 -37.01
C PRO A 62 -15.28 38.08 -37.02
N GLU A 63 -15.16 39.20 -37.73
CA GLU A 63 -16.23 40.21 -37.79
C GLU A 63 -17.48 39.64 -38.46
N GLU A 64 -17.28 38.96 -39.60
CA GLU A 64 -18.41 38.36 -40.29
C GLU A 64 -18.96 37.17 -39.51
N PHE A 65 -18.08 36.33 -38.95
CA PHE A 65 -18.54 35.19 -38.19
C PHE A 65 -19.42 35.68 -37.04
N ARG A 66 -18.97 36.73 -36.38
CA ARG A 66 -19.67 37.28 -35.24
C ARG A 66 -21.02 37.84 -35.70
N ARG A 67 -21.04 38.58 -36.81
CA ARG A 67 -22.31 39.06 -37.34
C ARG A 67 -23.28 37.90 -37.57
N ASP A 68 -22.79 36.79 -38.13
CA ASP A 68 -23.61 35.63 -38.47
C ASP A 68 -24.22 35.00 -37.21
N VAL A 69 -23.43 34.88 -36.15
CA VAL A 69 -23.90 34.26 -34.91
C VAL A 69 -24.91 35.19 -34.24
N GLU A 70 -24.55 36.47 -34.16
CA GLU A 70 -25.38 37.46 -33.51
C GLU A 70 -26.70 37.63 -34.26
N ALA A 71 -26.72 37.43 -35.58
CA ALA A 71 -27.92 37.68 -36.36
C ALA A 71 -29.02 36.70 -35.96
N VAL A 72 -28.66 35.50 -35.44
CA VAL A 72 -29.68 34.54 -35.05
C VAL A 72 -29.90 34.63 -33.54
N GLY A 73 -29.35 35.66 -32.91
CA GLY A 73 -29.65 35.96 -31.53
C GLY A 73 -28.78 35.14 -30.57
N MET A 74 -27.68 34.55 -31.04
CA MET A 74 -26.78 33.81 -30.15
C MET A 74 -25.50 34.59 -29.85
N LYS A 75 -24.87 34.26 -28.71
CA LYS A 75 -23.63 34.85 -28.26
C LYS A 75 -22.46 34.05 -28.84
N VAL A 76 -21.41 34.77 -29.26
CA VAL A 76 -20.14 34.14 -29.62
C VAL A 76 -19.37 34.00 -28.32
N LEU A 77 -19.43 32.83 -27.70
CA LEU A 77 -19.00 32.69 -26.32
C LEU A 77 -17.54 32.24 -26.27
N SER A 78 -17.21 31.22 -27.08
CA SER A 78 -15.98 30.49 -26.87
C SER A 78 -15.53 29.80 -28.16
N SER A 79 -14.33 29.22 -28.09
CA SER A 79 -13.67 28.67 -29.25
C SER A 79 -12.66 27.64 -28.79
N HIS A 80 -12.55 26.55 -29.57
CA HIS A 80 -11.47 25.59 -29.44
C HIS A 80 -10.38 25.84 -30.47
N CYS A 81 -9.17 26.06 -29.97
CA CYS A 81 -8.02 26.22 -30.83
C CYS A 81 -6.77 26.12 -29.97
N GLY A 82 -5.62 25.99 -30.62
CA GLY A 82 -4.38 25.85 -29.89
C GLY A 82 -3.22 25.65 -30.85
N LYS A 83 -2.05 25.68 -30.26
CA LYS A 83 -0.77 25.59 -30.93
C LYS A 83 0.11 24.79 -29.98
N GLY A 84 0.38 23.52 -30.33
CA GLY A 84 1.26 22.68 -29.53
C GLY A 84 2.69 23.13 -29.71
N LEU A 85 3.55 22.78 -28.76
CA LEU A 85 4.98 23.07 -28.88
C LEU A 85 5.64 22.04 -29.79
N SER A 86 6.65 22.48 -30.55
CA SER A 86 7.47 21.54 -31.29
C SER A 86 8.25 20.70 -30.29
N ASP A 87 8.89 19.62 -30.78
CA ASP A 87 9.76 18.79 -29.95
C ASP A 87 10.92 19.63 -29.43
N GLU A 88 11.41 20.55 -30.26
CA GLU A 88 12.59 21.33 -29.90
C GLU A 88 12.21 22.32 -28.80
N GLU A 89 11.05 22.96 -28.95
CA GLU A 89 10.57 23.89 -27.95
C GLU A 89 10.42 23.19 -26.61
N LEU A 90 9.85 21.98 -26.64
CA LEU A 90 9.55 21.23 -25.43
C LEU A 90 10.84 20.78 -24.74
N ALA A 91 11.86 20.44 -25.54
CA ALA A 91 13.13 19.97 -25.01
C ALA A 91 13.99 21.14 -24.51
N SER A 92 13.83 22.34 -25.10
CA SER A 92 14.70 23.46 -24.79
C SER A 92 14.14 24.29 -23.64
N GLY A 93 12.81 24.37 -23.55
CA GLY A 93 12.15 25.28 -22.64
C GLY A 93 11.75 26.57 -23.35
N ASP A 94 12.13 26.70 -24.61
CA ASP A 94 12.01 27.96 -25.31
C ASP A 94 10.80 27.89 -26.24
N PHE A 95 9.70 28.53 -25.86
CA PHE A 95 8.50 28.50 -26.67
C PHE A 95 8.15 29.91 -27.14
N SER A 96 9.16 30.77 -27.31
CA SER A 96 8.96 32.11 -27.83
C SER A 96 8.34 32.10 -29.24
N GLU A 97 8.69 31.10 -30.06
CA GLU A 97 8.15 31.03 -31.42
C GLU A 97 6.64 30.78 -31.35
N SER A 98 6.23 29.72 -30.65
CA SER A 98 4.80 29.46 -30.45
C SER A 98 4.06 30.68 -29.87
N MET A 99 4.68 31.48 -28.98
CA MET A 99 4.00 32.61 -28.38
C MET A 99 3.61 33.68 -29.40
N LYS A 100 4.32 33.76 -30.52
CA LYS A 100 3.96 34.69 -31.59
C LYS A 100 2.61 34.37 -32.22
N TRP A 101 2.28 33.08 -32.35
CA TRP A 101 1.01 32.62 -32.91
C TRP A 101 -0.15 33.19 -32.11
N TRP A 102 0.04 33.36 -30.79
CA TRP A 102 -1.05 33.65 -29.88
C TRP A 102 -1.59 35.07 -30.01
N ASP A 103 -0.77 36.01 -30.50
CA ASP A 103 -1.19 37.40 -30.56
C ASP A 103 -2.30 37.55 -31.60
N GLN A 104 -2.07 37.00 -32.78
CA GLN A 104 -3.10 37.02 -33.81
C GLN A 104 -4.36 36.27 -33.35
N CYS A 105 -4.16 35.09 -32.77
CA CYS A 105 -5.28 34.26 -32.36
C CYS A 105 -6.14 35.03 -31.36
N ILE A 106 -5.49 35.66 -30.37
CA ILE A 106 -6.18 36.36 -29.29
C ILE A 106 -6.95 37.55 -29.85
N ALA A 107 -6.30 38.33 -30.73
CA ALA A 107 -6.94 39.49 -31.34
C ALA A 107 -8.14 39.08 -32.20
N ALA A 108 -8.04 37.99 -32.97
CA ALA A 108 -9.16 37.54 -33.77
C ALA A 108 -10.29 37.07 -32.86
N HIS A 109 -9.96 36.33 -31.80
CA HIS A 109 -10.99 35.83 -30.92
C HIS A 109 -11.73 37.01 -30.30
N LYS A 110 -10.96 38.03 -29.91
CA LYS A 110 -11.52 39.23 -29.31
C LYS A 110 -12.42 39.96 -30.30
N ALA A 111 -11.97 40.05 -31.55
CA ALA A 111 -12.76 40.67 -32.60
C ALA A 111 -14.05 39.88 -32.87
N ALA A 112 -14.05 38.56 -32.66
CA ALA A 112 -15.26 37.77 -32.84
C ALA A 112 -16.17 37.85 -31.63
N GLY A 113 -15.71 38.55 -30.57
CA GLY A 113 -16.51 38.84 -29.39
C GLY A 113 -16.45 37.73 -28.34
N MET A 114 -15.49 36.83 -28.49
CA MET A 114 -15.34 35.64 -27.64
C MET A 114 -15.02 36.06 -26.21
N GLU A 115 -15.58 35.35 -25.23
CA GLU A 115 -15.24 35.55 -23.83
C GLU A 115 -14.13 34.60 -23.38
N TYR A 116 -14.03 33.46 -24.07
CA TYR A 116 -13.14 32.38 -23.68
C TYR A 116 -12.43 31.84 -24.91
N ILE A 117 -11.20 31.41 -24.70
CA ILE A 117 -10.45 30.57 -25.62
C ILE A 117 -10.07 29.30 -24.88
N VAL A 118 -10.24 28.14 -25.54
CA VAL A 118 -9.98 26.87 -24.88
C VAL A 118 -9.12 26.01 -25.79
N THR A 119 -8.01 25.49 -25.25
CA THR A 119 -7.25 24.47 -25.97
C THR A 119 -7.95 23.12 -25.83
N PRO A 120 -8.35 22.48 -26.96
CA PRO A 120 -9.12 21.25 -26.88
C PRO A 120 -8.36 19.99 -26.51
N TYR A 121 -7.02 20.01 -26.62
CA TYR A 121 -6.29 18.76 -26.63
C TYR A 121 -4.78 18.97 -26.47
N LEU A 122 -4.20 18.27 -25.50
CA LEU A 122 -2.75 18.08 -25.40
C LEU A 122 -2.50 16.60 -25.11
N PRO A 123 -1.46 15.98 -25.69
CA PRO A 123 -1.18 14.58 -25.37
C PRO A 123 -0.55 14.45 -23.98
N VAL A 124 -0.56 13.23 -23.43
CA VAL A 124 0.11 12.99 -22.16
C VAL A 124 1.60 13.17 -22.44
N PRO A 125 2.30 14.09 -21.75
CA PRO A 125 3.76 14.20 -21.88
C PRO A 125 4.44 12.91 -21.42
N LYS A 126 5.67 12.71 -21.88
CA LYS A 126 6.47 11.58 -21.44
C LYS A 126 7.04 11.83 -20.05
N THR A 127 7.31 13.10 -19.68
CA THR A 127 7.93 13.39 -18.39
C THR A 127 7.21 14.53 -17.68
N LEU A 128 7.41 14.60 -16.35
CA LEU A 128 6.97 15.72 -15.55
C LEU A 128 7.65 17.00 -16.01
N LYS A 129 8.91 16.89 -16.48
CA LYS A 129 9.64 18.04 -16.98
C LYS A 129 8.90 18.68 -18.15
N GLU A 130 8.52 17.82 -19.12
CA GLU A 130 7.78 18.26 -20.28
C GLU A 130 6.43 18.85 -19.86
N MET A 131 5.77 18.20 -18.89
CA MET A 131 4.49 18.67 -18.41
C MET A 131 4.66 20.08 -17.83
N GLN A 132 5.75 20.28 -17.09
CA GLN A 132 6.00 21.58 -16.47
C GLN A 132 6.22 22.65 -17.55
N THR A 133 6.94 22.29 -18.63
CA THR A 133 7.15 23.24 -19.71
C THR A 133 5.79 23.63 -20.29
N TYR A 134 4.91 22.63 -20.49
CA TYR A 134 3.53 22.89 -20.91
C TYR A 134 2.82 23.82 -19.94
N CYS A 135 3.05 23.62 -18.65
CA CYS A 135 2.41 24.49 -17.67
C CYS A 135 2.90 25.93 -17.83
N ASP A 136 4.19 26.12 -18.18
CA ASP A 136 4.72 27.46 -18.33
C ASP A 136 4.08 28.11 -19.56
N TYR A 137 4.02 27.36 -20.66
CA TYR A 137 3.34 27.80 -21.87
C TYR A 137 1.89 28.20 -21.60
N LEU A 138 1.12 27.31 -20.97
CA LEU A 138 -0.26 27.58 -20.58
C LEU A 138 -0.36 28.89 -19.78
N ASN A 139 0.51 29.10 -18.78
CA ASN A 139 0.46 30.32 -17.99
C ASN A 139 0.70 31.53 -18.90
N ALA A 140 1.69 31.42 -19.80
CA ALA A 140 2.07 32.52 -20.68
C ALA A 140 0.91 32.85 -21.61
N ILE A 141 0.27 31.81 -22.17
CA ILE A 141 -0.92 32.00 -23.00
C ILE A 141 -2.04 32.65 -22.18
N GLY A 142 -2.35 32.05 -21.02
CA GLY A 142 -3.42 32.56 -20.18
C GLY A 142 -3.20 34.03 -19.81
N LYS A 143 -1.93 34.38 -19.57
CA LYS A 143 -1.56 35.73 -19.19
C LYS A 143 -1.84 36.69 -20.33
N LYS A 144 -1.37 36.35 -21.55
CA LYS A 144 -1.70 37.16 -22.71
C LYS A 144 -3.21 37.28 -22.90
N CYS A 145 -3.95 36.18 -22.71
CA CYS A 145 -5.39 36.24 -22.89
C CYS A 145 -6.02 37.24 -21.91
N ARG A 146 -5.67 37.11 -20.63
CA ARG A 146 -6.25 37.94 -19.58
C ARG A 146 -5.96 39.42 -19.86
N GLU A 147 -4.78 39.73 -20.39
CA GLU A 147 -4.41 41.12 -20.63
C GLU A 147 -5.29 41.70 -21.72
N ALA A 148 -5.75 40.83 -22.64
CA ALA A 148 -6.63 41.19 -23.73
C ALA A 148 -8.11 41.08 -23.36
N GLY A 149 -8.40 40.61 -22.14
CA GLY A 149 -9.78 40.53 -21.68
C GLY A 149 -10.44 39.21 -22.03
N ILE A 150 -9.66 38.15 -22.23
CA ILE A 150 -10.23 36.84 -22.55
C ILE A 150 -9.78 35.82 -21.52
N LYS A 151 -10.68 34.92 -21.12
CA LYS A 151 -10.31 33.82 -20.25
C LYS A 151 -9.88 32.59 -21.03
N TYR A 152 -8.66 32.11 -20.75
CA TYR A 152 -8.07 30.96 -21.38
C TYR A 152 -8.32 29.70 -20.54
N GLY A 153 -8.64 28.60 -21.24
CA GLY A 153 -8.93 27.35 -20.59
C GLY A 153 -8.41 26.15 -21.37
N TYR A 154 -8.58 24.99 -20.72
CA TYR A 154 -8.14 23.71 -21.21
C TYR A 154 -9.29 22.70 -21.10
N HIS A 155 -9.54 22.02 -22.22
CA HIS A 155 -10.56 20.99 -22.33
C HIS A 155 -9.94 19.60 -22.31
N ASN A 156 -10.43 18.74 -21.40
CA ASN A 156 -9.95 17.37 -21.27
C ASN A 156 -10.67 16.41 -22.23
N HIS A 157 -10.01 15.28 -22.52
CA HIS A 157 -10.72 14.05 -22.85
C HIS A 157 -10.49 13.11 -21.67
N ALA A 158 -10.23 11.81 -21.94
CA ALA A 158 -10.05 10.82 -20.89
C ALA A 158 -8.59 10.68 -20.48
N HIS A 159 -7.66 10.97 -21.40
CA HIS A 159 -6.25 10.63 -21.24
C HIS A 159 -5.56 11.46 -20.15
N GLU A 160 -6.11 12.64 -19.82
CA GLU A 160 -5.49 13.50 -18.84
C GLU A 160 -5.62 12.93 -17.42
N PHE A 161 -6.39 11.86 -17.26
CA PHE A 161 -6.49 11.23 -15.95
C PHE A 161 -5.44 10.14 -15.78
N GLN A 162 -4.66 9.87 -16.84
CA GLN A 162 -3.48 9.02 -16.72
C GLN A 162 -2.39 9.73 -15.91
N LYS A 163 -1.41 8.95 -15.45
CA LYS A 163 -0.31 9.53 -14.70
C LYS A 163 0.85 9.76 -15.66
N ILE A 164 1.62 10.77 -15.32
CA ILE A 164 2.88 11.03 -15.99
C ILE A 164 3.98 10.45 -15.09
N GLU A 165 4.80 9.55 -15.67
CA GLU A 165 5.96 8.98 -14.99
C GLU A 165 5.48 8.21 -13.76
N ASP A 166 4.28 7.62 -13.86
CA ASP A 166 3.62 6.94 -12.75
C ASP A 166 3.62 7.76 -11.47
N LYS A 167 3.84 9.08 -11.52
CA LYS A 167 3.79 9.92 -10.32
C LYS A 167 2.49 10.74 -10.32
N ALA A 168 2.39 11.80 -11.12
CA ALA A 168 1.29 12.75 -11.01
C ALA A 168 0.27 12.55 -12.14
N VAL A 169 -1.02 12.68 -11.79
CA VAL A 169 -2.08 12.63 -12.78
C VAL A 169 -1.93 13.91 -13.61
N MET A 170 -2.04 13.81 -14.94
CA MET A 170 -1.79 14.94 -15.82
C MET A 170 -2.68 16.15 -15.50
N LEU A 171 -4.01 15.95 -15.45
CA LEU A 171 -4.90 17.08 -15.29
C LEU A 171 -4.64 17.76 -13.94
N ASP A 172 -4.45 16.94 -12.88
CA ASP A 172 -4.13 17.45 -11.55
C ASP A 172 -2.89 18.33 -11.63
N TYR A 173 -1.83 17.81 -12.24
CA TYR A 173 -0.56 18.54 -12.35
C TYR A 173 -0.85 19.87 -13.05
N MET A 174 -1.62 19.82 -14.14
CA MET A 174 -1.93 21.02 -14.91
C MET A 174 -2.63 22.05 -14.03
N ILE A 175 -3.68 21.64 -13.32
CA ILE A 175 -4.42 22.57 -12.48
C ILE A 175 -3.51 23.18 -11.40
N GLU A 176 -2.70 22.31 -10.77
CA GLU A 176 -1.91 22.73 -9.62
C GLU A 176 -0.80 23.69 -10.03
N ASN A 177 -0.38 23.69 -11.30
CA ASN A 177 0.83 24.37 -11.70
C ASN A 177 0.52 25.44 -12.73
N THR A 178 -0.74 25.86 -12.74
CA THR A 178 -1.12 27.03 -13.49
C THR A 178 -1.85 27.96 -12.53
N ASP A 179 -1.75 29.26 -12.79
CA ASP A 179 -2.45 30.23 -12.00
C ASP A 179 -3.92 30.22 -12.36
N PRO A 180 -4.81 30.32 -11.36
CA PRO A 180 -6.25 30.34 -11.62
C PRO A 180 -6.70 31.44 -12.58
N GLU A 181 -6.01 32.59 -12.61
CA GLU A 181 -6.40 33.67 -13.52
C GLU A 181 -5.92 33.40 -14.96
N ASN A 182 -4.93 32.52 -15.12
CA ASN A 182 -4.38 32.24 -16.44
C ASN A 182 -5.07 31.03 -17.06
N LEU A 183 -5.60 30.09 -16.24
CA LEU A 183 -6.14 28.85 -16.80
C LEU A 183 -7.30 28.36 -15.94
N PHE A 184 -8.44 28.14 -16.62
CA PHE A 184 -9.53 27.36 -16.05
C PHE A 184 -9.61 26.07 -16.84
N ILE A 185 -10.38 25.12 -16.33
CA ILE A 185 -10.60 23.85 -17.01
C ILE A 185 -12.02 23.84 -17.55
N GLU A 186 -12.14 23.60 -18.85
CA GLU A 186 -13.44 23.35 -19.46
C GLU A 186 -13.64 21.84 -19.37
N LEU A 187 -14.26 21.40 -18.26
CA LEU A 187 -14.31 20.00 -17.90
C LEU A 187 -15.36 19.31 -18.76
N ASP A 188 -14.93 18.30 -19.51
CA ASP A 188 -15.85 17.40 -20.17
C ASP A 188 -16.16 16.28 -19.21
N VAL A 189 -17.42 16.24 -18.75
CA VAL A 189 -17.82 15.38 -17.67
C VAL A 189 -17.93 13.92 -18.15
N TYR A 190 -18.26 13.73 -19.43
CA TYR A 190 -18.32 12.41 -20.00
C TYR A 190 -16.92 11.81 -20.09
N TRP A 191 -15.96 12.54 -20.67
CA TRP A 191 -14.58 12.05 -20.78
C TRP A 191 -13.95 11.88 -19.41
N ALA A 192 -14.33 12.71 -18.43
CA ALA A 192 -13.87 12.52 -17.06
C ALA A 192 -14.32 11.15 -16.56
N VAL A 193 -15.61 10.87 -16.70
CA VAL A 193 -16.15 9.58 -16.28
C VAL A 193 -15.45 8.45 -17.03
N MET A 194 -15.23 8.64 -18.33
CA MET A 194 -14.53 7.66 -19.14
C MET A 194 -13.10 7.45 -18.62
N GLY A 195 -12.52 8.47 -17.98
CA GLY A 195 -11.23 8.37 -17.32
C GLY A 195 -11.29 7.94 -15.85
N LYS A 196 -12.45 7.42 -15.40
CA LYS A 196 -12.70 6.93 -14.05
C LYS A 196 -12.64 8.05 -13.02
N ALA A 197 -12.84 9.30 -13.46
CA ALA A 197 -12.76 10.43 -12.56
C ALA A 197 -14.17 10.82 -12.14
N SER A 198 -14.30 11.23 -10.87
CA SER A 198 -15.52 11.81 -10.37
C SER A 198 -15.51 13.31 -10.67
N PRO A 199 -16.44 13.80 -11.54
CA PRO A 199 -16.59 15.25 -11.72
C PRO A 199 -16.77 16.00 -10.40
N VAL A 200 -17.60 15.46 -9.51
CA VAL A 200 -17.88 16.19 -8.28
C VAL A 200 -16.66 16.19 -7.37
N ASP A 201 -15.90 15.09 -7.30
CA ASP A 201 -14.70 15.10 -6.48
C ASP A 201 -13.66 16.08 -7.02
N TYR A 202 -13.58 16.19 -8.35
CA TYR A 202 -12.68 17.14 -8.97
C TYR A 202 -13.09 18.55 -8.58
N PHE A 203 -14.41 18.82 -8.58
CA PHE A 203 -14.91 20.12 -8.21
C PHE A 203 -14.47 20.49 -6.80
N HIS A 204 -14.58 19.53 -5.88
CA HIS A 204 -14.23 19.74 -4.49
C HIS A 204 -12.71 19.82 -4.27
N LYS A 205 -11.91 19.14 -5.09
CA LYS A 205 -10.46 19.19 -4.95
C LYS A 205 -9.92 20.52 -5.47
N TYR A 206 -10.59 21.11 -6.47
CA TYR A 206 -10.07 22.30 -7.12
C TYR A 206 -11.19 23.32 -7.30
N PRO A 207 -11.76 23.82 -6.18
CA PRO A 207 -12.91 24.73 -6.25
C PRO A 207 -12.58 25.95 -7.09
N GLY A 208 -13.55 26.35 -7.92
CA GLY A 208 -13.45 27.57 -8.71
C GLY A 208 -12.69 27.39 -10.02
N ARG A 209 -12.05 26.25 -10.25
CA ARG A 209 -11.23 26.14 -11.46
C ARG A 209 -12.05 25.73 -12.70
N PHE A 210 -13.31 25.30 -12.56
CA PHE A 210 -14.06 24.78 -13.68
C PHE A 210 -15.09 25.80 -14.17
N LYS A 211 -14.62 26.78 -14.93
CA LYS A 211 -15.46 27.92 -15.25
C LYS A 211 -16.41 27.60 -16.39
N MET A 212 -16.15 26.53 -17.15
CA MET A 212 -17.16 26.02 -18.06
C MET A 212 -17.18 24.49 -17.97
N LEU A 213 -18.35 23.93 -18.31
CA LEU A 213 -18.45 22.50 -18.49
C LEU A 213 -18.79 22.19 -19.95
N HIS A 214 -18.22 21.10 -20.44
CA HIS A 214 -18.76 20.41 -21.60
C HIS A 214 -19.72 19.36 -21.08
N ILE A 215 -21.00 19.61 -21.32
CA ILE A 215 -22.08 18.69 -21.05
C ILE A 215 -22.15 17.73 -22.23
N LYS A 216 -21.57 16.55 -21.98
CA LYS A 216 -21.46 15.53 -22.99
C LYS A 216 -21.92 14.23 -22.35
N ASP A 217 -22.37 13.31 -23.22
CA ASP A 217 -22.76 11.97 -22.83
C ASP A 217 -22.32 11.08 -23.99
N ARG A 218 -22.64 9.79 -23.96
CA ARG A 218 -22.23 8.90 -25.04
C ARG A 218 -22.85 9.40 -26.35
N ARG A 219 -24.16 9.64 -26.34
CA ARG A 219 -24.90 10.19 -27.46
C ARG A 219 -25.73 11.34 -26.93
N GLU A 220 -27.07 11.24 -26.93
CA GLU A 220 -27.86 12.33 -26.40
C GLU A 220 -27.62 12.48 -24.91
N ILE A 221 -27.65 13.74 -24.45
CA ILE A 221 -27.40 14.09 -23.06
C ILE A 221 -28.50 13.51 -22.18
N GLY A 222 -28.07 12.79 -21.14
CA GLY A 222 -28.96 12.16 -20.19
C GLY A 222 -29.52 10.82 -20.63
N GLN A 223 -29.06 10.26 -21.77
CA GLN A 223 -29.62 9.03 -22.34
C GLN A 223 -28.93 7.77 -21.80
N SER A 224 -27.63 7.83 -21.47
CA SER A 224 -26.79 6.63 -21.44
C SER A 224 -26.85 5.90 -20.09
N GLY A 225 -27.02 6.69 -19.02
CA GLY A 225 -26.84 6.21 -17.66
C GLY A 225 -25.40 6.37 -17.16
N MET A 226 -24.52 6.98 -17.97
CA MET A 226 -23.10 7.00 -17.67
C MET A 226 -22.70 8.32 -17.01
N VAL A 227 -23.65 9.26 -16.87
CA VAL A 227 -23.27 10.58 -16.41
C VAL A 227 -24.31 11.07 -15.41
N GLY A 228 -23.85 11.40 -14.21
CA GLY A 228 -24.72 11.94 -13.18
C GLY A 228 -24.87 13.46 -13.24
N PHE A 229 -25.71 13.95 -14.17
CA PHE A 229 -25.88 15.39 -14.38
C PHE A 229 -26.44 16.04 -13.11
N ASP A 230 -27.37 15.36 -12.42
CA ASP A 230 -27.94 15.85 -11.17
C ASP A 230 -26.82 16.28 -10.21
N ALA A 231 -25.92 15.34 -9.90
CA ALA A 231 -24.84 15.58 -8.96
C ALA A 231 -23.93 16.70 -9.45
N ILE A 232 -23.62 16.67 -10.74
CA ILE A 232 -22.71 17.63 -11.33
C ILE A 232 -23.26 19.05 -11.13
N PHE A 233 -24.49 19.23 -11.55
CA PHE A 233 -25.12 20.54 -11.47
C PHE A 233 -25.32 20.98 -10.03
N GLU A 234 -25.58 20.04 -9.12
CA GLU A 234 -25.70 20.33 -7.69
C GLU A 234 -24.43 21.01 -7.16
N ASN A 235 -23.28 20.73 -7.79
CA ASN A 235 -22.00 21.16 -7.30
C ASN A 235 -21.39 22.22 -8.21
N ALA A 236 -22.19 22.78 -9.13
CA ALA A 236 -21.68 23.73 -10.11
C ALA A 236 -21.09 24.97 -9.44
N LYS A 237 -21.56 25.32 -8.24
CA LYS A 237 -21.09 26.52 -7.55
C LYS A 237 -19.69 26.32 -6.99
N THR A 238 -19.47 25.23 -6.27
CA THR A 238 -18.11 24.86 -5.89
C THR A 238 -17.18 24.91 -7.11
N ALA A 239 -17.64 24.33 -8.22
CA ALA A 239 -16.81 24.18 -9.41
C ALA A 239 -16.37 25.53 -9.97
N GLY A 240 -17.27 26.51 -9.84
CA GLY A 240 -17.11 27.84 -10.40
C GLY A 240 -17.75 27.99 -11.79
N VAL A 241 -18.77 27.18 -12.09
CA VAL A 241 -19.31 27.13 -13.44
C VAL A 241 -19.91 28.49 -13.80
N GLU A 242 -19.47 29.04 -14.96
CA GLU A 242 -20.02 30.27 -15.54
C GLU A 242 -20.94 30.01 -16.74
N ASN A 243 -20.59 28.98 -17.53
CA ASN A 243 -21.33 28.65 -18.72
C ASN A 243 -21.30 27.14 -18.94
N ILE A 244 -22.37 26.60 -19.55
CA ILE A 244 -22.39 25.20 -19.92
C ILE A 244 -22.55 25.10 -21.43
N ILE A 245 -21.82 24.15 -21.99
CA ILE A 245 -21.76 23.94 -23.41
C ILE A 245 -22.05 22.46 -23.67
N VAL A 246 -23.08 22.25 -24.48
CA VAL A 246 -23.48 20.92 -24.90
C VAL A 246 -22.55 20.45 -25.99
N GLU A 247 -22.15 19.19 -25.90
CA GLU A 247 -21.38 18.58 -26.98
C GLU A 247 -21.97 17.21 -27.26
N VAL A 248 -22.19 16.91 -28.54
CA VAL A 248 -22.72 15.62 -28.97
C VAL A 248 -21.97 15.23 -30.23
N GLU A 249 -21.24 14.11 -30.16
CA GLU A 249 -20.43 13.66 -31.28
C GLU A 249 -20.93 12.36 -31.90
N GLN A 250 -21.79 11.63 -31.17
CA GLN A 250 -22.42 10.41 -31.68
C GLN A 250 -23.92 10.52 -31.43
N TYR A 251 -24.74 9.93 -32.32
CA TYR A 251 -26.15 10.26 -32.37
C TYR A 251 -27.03 9.02 -32.53
N SER A 252 -28.19 9.05 -31.89
CA SER A 252 -29.19 8.00 -32.01
C SER A 252 -30.17 8.35 -33.12
N TYR A 253 -30.17 9.63 -33.54
CA TYR A 253 -31.07 10.15 -34.55
C TYR A 253 -30.27 11.00 -35.53
N ASP A 254 -30.98 11.74 -36.39
CA ASP A 254 -30.37 12.81 -37.17
C ASP A 254 -29.74 13.79 -36.19
N VAL A 255 -28.70 14.47 -36.64
CA VAL A 255 -27.90 15.31 -35.77
C VAL A 255 -28.75 16.39 -35.12
N GLU A 256 -29.58 17.07 -35.90
CA GLU A 256 -30.39 18.14 -35.35
C GLU A 256 -31.30 17.65 -34.22
N LYS A 257 -31.95 16.50 -34.43
CA LYS A 257 -32.83 15.94 -33.41
C LYS A 257 -32.02 15.58 -32.16
N SER A 258 -30.85 14.96 -32.35
CA SER A 258 -29.99 14.58 -31.24
C SER A 258 -29.62 15.80 -30.41
N VAL A 259 -29.22 16.89 -31.07
CA VAL A 259 -28.72 18.03 -30.31
C VAL A 259 -29.92 18.75 -29.70
N LYS A 260 -31.07 18.62 -30.36
CA LYS A 260 -32.30 19.20 -29.83
C LYS A 260 -32.72 18.47 -28.57
N LEU A 261 -32.77 17.15 -28.61
CA LEU A 261 -33.16 16.34 -27.47
C LEU A 261 -32.18 16.57 -26.32
N SER A 262 -30.91 16.83 -26.65
CA SER A 262 -29.90 17.09 -25.64
C SER A 262 -30.19 18.40 -24.91
N LEU A 263 -30.55 19.45 -25.66
CA LEU A 263 -30.99 20.69 -25.07
C LEU A 263 -32.21 20.48 -24.18
N ASP A 264 -33.22 19.76 -24.68
CA ASP A 264 -34.48 19.54 -23.96
C ASP A 264 -34.26 18.87 -22.61
N TYR A 265 -33.35 17.89 -22.55
CA TYR A 265 -33.02 17.28 -21.27
C TYR A 265 -32.63 18.37 -20.27
N LEU A 266 -31.74 19.28 -20.68
CA LEU A 266 -31.28 20.34 -19.78
C LEU A 266 -32.40 21.35 -19.46
N LEU A 267 -33.17 21.76 -20.48
CA LEU A 267 -34.26 22.71 -20.24
C LEU A 267 -35.25 22.13 -19.23
N GLU A 268 -35.57 20.84 -19.34
CA GLU A 268 -36.53 20.19 -18.44
C GLU A 268 -35.96 19.78 -17.08
N ALA A 269 -34.63 19.76 -16.93
CA ALA A 269 -33.99 19.31 -15.68
C ALA A 269 -34.04 20.41 -14.63
N PRO A 270 -34.70 20.22 -13.46
CA PRO A 270 -34.77 21.29 -12.46
C PRO A 270 -33.43 21.72 -11.85
N PHE A 271 -32.40 20.86 -11.93
CA PHE A 271 -31.10 21.18 -11.35
C PHE A 271 -30.26 22.05 -12.28
N VAL A 272 -30.72 22.30 -13.52
CA VAL A 272 -30.02 23.21 -14.40
C VAL A 272 -30.64 24.60 -14.26
N LYS A 273 -29.87 25.55 -13.72
CA LYS A 273 -30.33 26.91 -13.54
C LYS A 273 -30.39 27.65 -14.87
N ALA A 274 -31.14 28.76 -14.86
CA ALA A 274 -31.39 29.53 -16.07
C ALA A 274 -30.12 30.23 -16.52
N SER A 275 -29.18 30.44 -15.59
CA SER A 275 -27.94 31.10 -15.93
C SER A 275 -26.87 30.80 -14.90
N TYR A 276 -25.61 30.73 -15.35
CA TYR A 276 -24.51 30.51 -14.44
C TYR A 276 -23.54 31.69 -14.39
N SER A 277 -23.77 32.73 -15.22
CA SER A 277 -22.70 33.72 -15.44
C SER A 277 -22.77 34.87 -14.41
N ALA B 7 -42.63 2.87 5.01
CA ALA B 7 -41.54 2.82 4.01
C ALA B 7 -42.08 3.01 2.58
N LYS B 8 -41.76 4.16 1.98
CA LYS B 8 -42.38 4.60 0.74
C LYS B 8 -41.99 3.72 -0.44
N LYS B 9 -40.82 3.07 -0.42
CA LYS B 9 -40.30 2.41 -1.60
C LYS B 9 -39.60 1.11 -1.23
N ASP B 10 -39.73 0.11 -2.11
CA ASP B 10 -39.10 -1.17 -1.86
C ASP B 10 -37.65 -1.04 -2.34
N ILE B 11 -36.73 -0.99 -1.38
CA ILE B 11 -35.31 -0.85 -1.65
C ILE B 11 -34.56 -1.78 -0.71
N GLY B 12 -33.59 -2.49 -1.31
CA GLY B 12 -32.80 -3.46 -0.59
C GLY B 12 -31.40 -2.94 -0.35
N ILE B 13 -30.70 -3.60 0.57
CA ILE B 13 -29.33 -3.26 0.90
C ILE B 13 -28.45 -4.50 0.82
N GLN B 14 -27.30 -4.40 0.15
CA GLN B 14 -26.30 -5.46 0.18
C GLN B 14 -25.55 -5.32 1.50
N LEU B 15 -25.54 -6.38 2.33
CA LEU B 15 -24.96 -6.35 3.65
C LEU B 15 -23.43 -6.16 3.62
N TYR B 16 -22.79 -6.46 2.47
CA TYR B 16 -21.37 -6.18 2.26
C TYR B 16 -21.15 -4.69 2.49
N SER B 17 -22.16 -3.86 2.22
CA SER B 17 -22.10 -2.43 2.42
C SER B 17 -21.81 -2.06 3.89
N VAL B 18 -22.26 -2.91 4.84
CA VAL B 18 -22.09 -2.72 6.29
C VAL B 18 -21.12 -3.76 6.88
N ARG B 19 -20.21 -4.30 6.08
CA ARG B 19 -19.29 -5.34 6.52
C ARG B 19 -18.46 -4.89 7.72
N ASP B 20 -18.05 -3.62 7.76
CA ASP B 20 -17.23 -3.13 8.86
C ASP B 20 -18.04 -3.11 10.17
N LEU B 21 -19.37 -3.02 10.11
CA LEU B 21 -20.23 -2.97 11.28
C LEU B 21 -20.64 -4.34 11.82
N ILE B 22 -20.24 -5.43 11.17
CA ILE B 22 -20.49 -6.78 11.67
C ILE B 22 -19.16 -7.34 12.16
N GLY B 23 -19.09 -7.69 13.43
CA GLY B 23 -17.85 -8.18 14.01
C GLY B 23 -18.11 -9.41 14.87
N SER B 24 -17.04 -10.09 15.25
CA SER B 24 -17.18 -11.11 16.27
C SER B 24 -17.39 -10.42 17.62
N PHE B 25 -18.57 -10.61 18.25
CA PHE B 25 -18.85 -10.12 19.61
C PHE B 25 -19.53 -11.21 20.46
N GLY B 26 -18.95 -11.52 21.65
CA GLY B 26 -19.42 -12.56 22.55
C GLY B 26 -19.28 -13.94 21.88
N ARG B 27 -18.30 -14.07 20.98
CA ARG B 27 -18.16 -15.22 20.10
C ARG B 27 -19.50 -15.51 19.39
N ASN B 28 -20.26 -14.48 18.98
CA ASN B 28 -21.07 -14.55 17.78
C ASN B 28 -20.07 -14.09 16.78
N GLN B 29 -19.59 -14.98 15.93
CA GLN B 29 -18.53 -14.62 15.01
C GLN B 29 -18.97 -13.39 14.20
N HIS B 30 -20.26 -13.37 13.89
CA HIS B 30 -20.78 -12.34 13.04
C HIS B 30 -21.96 -11.74 13.77
N ASP B 31 -21.75 -10.56 14.37
CA ASP B 31 -22.80 -9.96 15.16
C ASP B 31 -23.57 -8.99 14.26
N TYR B 32 -24.52 -9.50 13.47
CA TYR B 32 -25.19 -8.67 12.46
C TYR B 32 -26.51 -8.06 12.94
N LYS B 33 -27.04 -8.51 14.08
CA LYS B 33 -28.39 -8.06 14.44
C LYS B 33 -28.43 -6.55 14.67
N PRO B 34 -27.45 -5.92 15.35
CA PRO B 34 -27.54 -4.48 15.56
C PRO B 34 -27.64 -3.73 14.22
N VAL B 35 -26.82 -4.10 13.24
CA VAL B 35 -26.84 -3.38 11.97
C VAL B 35 -28.16 -3.65 11.23
N LEU B 36 -28.72 -4.86 11.37
CA LEU B 36 -29.99 -5.16 10.69
C LEU B 36 -31.06 -4.17 11.15
N LYS B 37 -31.09 -3.90 12.45
CA LYS B 37 -32.08 -2.99 12.98
C LYS B 37 -31.86 -1.57 12.47
N ALA B 38 -30.61 -1.13 12.43
CA ALA B 38 -30.30 0.21 11.97
C ALA B 38 -30.75 0.37 10.52
N LEU B 39 -30.52 -0.66 9.71
CA LEU B 39 -30.92 -0.62 8.32
C LEU B 39 -32.45 -0.56 8.14
N ALA B 40 -33.16 -1.34 8.94
CA ALA B 40 -34.61 -1.33 8.92
C ALA B 40 -35.12 0.05 9.31
N ASP B 41 -34.51 0.61 10.37
CA ASP B 41 -34.93 1.90 10.88
C ASP B 41 -34.71 2.97 9.82
N MET B 42 -33.66 2.82 9.00
CA MET B 42 -33.44 3.71 7.86
C MET B 42 -34.60 3.61 6.87
N GLY B 43 -35.22 2.43 6.76
CA GLY B 43 -36.26 2.24 5.76
C GLY B 43 -35.91 1.21 4.66
N TYR B 44 -34.77 0.50 4.77
CA TYR B 44 -34.50 -0.60 3.85
C TYR B 44 -35.54 -1.70 4.07
N THR B 45 -36.07 -2.26 2.99
CA THR B 45 -37.19 -3.20 3.07
C THR B 45 -36.70 -4.62 2.87
N SER B 46 -35.48 -4.79 2.32
CA SER B 46 -34.95 -6.11 2.02
C SER B 46 -33.42 -6.13 2.13
N ILE B 47 -32.84 -7.32 2.29
CA ILE B 47 -31.39 -7.45 2.36
C ILE B 47 -30.89 -8.42 1.29
N GLU B 48 -29.65 -8.21 0.81
CA GLU B 48 -28.94 -9.23 0.06
C GLU B 48 -27.73 -9.62 0.90
N ALA B 49 -27.62 -10.90 1.24
CA ALA B 49 -26.55 -11.34 2.12
C ALA B 49 -25.21 -11.38 1.39
N ALA B 50 -24.13 -11.42 2.16
CA ALA B 50 -22.79 -11.67 1.62
C ALA B 50 -21.98 -12.46 2.62
N SER B 51 -22.53 -13.59 3.08
CA SER B 51 -21.80 -14.45 4.00
C SER B 51 -22.46 -15.82 4.06
N TYR B 52 -22.12 -16.69 3.09
CA TYR B 52 -22.72 -18.01 3.00
C TYR B 52 -21.59 -19.03 3.16
N ASN B 53 -21.78 -20.03 4.02
CA ASN B 53 -20.82 -21.14 4.09
C ASN B 53 -21.47 -22.37 4.73
N ASP B 54 -21.31 -23.52 4.06
CA ASP B 54 -21.67 -24.80 4.65
C ASP B 54 -23.07 -24.71 5.26
N GLY B 55 -24.03 -24.23 4.46
CA GLY B 55 -25.44 -24.26 4.80
C GLY B 55 -25.83 -23.21 5.86
N LYS B 56 -24.93 -22.26 6.14
CA LYS B 56 -25.22 -21.22 7.13
C LYS B 56 -24.99 -19.83 6.55
N PHE B 57 -25.67 -18.83 7.14
CA PHE B 57 -25.49 -17.44 6.80
C PHE B 57 -24.94 -16.71 8.01
N TYR B 58 -23.79 -16.05 7.84
CA TYR B 58 -23.20 -15.29 8.94
C TYR B 58 -23.03 -16.24 10.13
N GLY B 59 -22.77 -17.51 9.83
CA GLY B 59 -22.48 -18.49 10.86
C GLY B 59 -23.74 -19.02 11.52
N ASN B 60 -24.93 -18.61 11.07
CA ASN B 60 -26.17 -19.04 11.70
C ASN B 60 -26.96 -19.93 10.74
N THR B 61 -27.93 -20.67 11.30
CA THR B 61 -28.78 -21.50 10.47
C THR B 61 -29.53 -20.57 9.52
N PRO B 62 -29.94 -21.04 8.32
CA PRO B 62 -30.85 -20.29 7.47
C PRO B 62 -32.10 -19.85 8.23
N GLU B 63 -32.64 -20.73 9.07
CA GLU B 63 -33.89 -20.47 9.78
C GLU B 63 -33.71 -19.29 10.75
N GLU B 64 -32.65 -19.33 11.55
CA GLU B 64 -32.41 -18.26 12.51
C GLU B 64 -32.10 -16.95 11.78
N PHE B 65 -31.32 -17.03 10.69
CA PHE B 65 -30.96 -15.83 9.95
C PHE B 65 -32.21 -15.17 9.41
N ARG B 66 -33.11 -15.98 8.86
CA ARG B 66 -34.36 -15.49 8.34
C ARG B 66 -35.22 -14.84 9.45
N ARG B 67 -35.28 -15.50 10.62
CA ARG B 67 -36.06 -14.96 11.73
C ARG B 67 -35.53 -13.57 12.10
N ASP B 68 -34.21 -13.43 12.19
CA ASP B 68 -33.59 -12.16 12.54
C ASP B 68 -33.91 -11.04 11.54
N VAL B 69 -33.83 -11.34 10.23
CA VAL B 69 -34.08 -10.32 9.23
C VAL B 69 -35.57 -9.94 9.23
N GLU B 70 -36.43 -10.96 9.37
CA GLU B 70 -37.86 -10.75 9.37
C GLU B 70 -38.31 -10.03 10.64
N ALA B 71 -37.59 -10.25 11.75
CA ALA B 71 -37.95 -9.66 13.04
C ALA B 71 -37.89 -8.15 12.96
N VAL B 72 -36.98 -7.58 12.14
CA VAL B 72 -36.89 -6.14 11.98
C VAL B 72 -37.76 -5.68 10.81
N GLY B 73 -38.49 -6.59 10.17
CA GLY B 73 -39.46 -6.22 9.16
C GLY B 73 -38.88 -6.18 7.75
N MET B 74 -37.68 -6.78 7.55
CA MET B 74 -37.03 -6.80 6.25
C MET B 74 -37.17 -8.17 5.60
N LYS B 75 -37.29 -8.20 4.27
CA LYS B 75 -37.37 -9.45 3.53
C LYS B 75 -35.97 -10.00 3.27
N VAL B 76 -35.80 -11.32 3.35
CA VAL B 76 -34.57 -11.97 2.93
C VAL B 76 -34.66 -12.18 1.42
N LEU B 77 -34.30 -11.15 0.63
CA LEU B 77 -34.48 -11.20 -0.81
C LEU B 77 -33.44 -12.05 -1.56
N SER B 78 -32.15 -11.85 -1.29
CA SER B 78 -31.09 -12.38 -2.15
C SER B 78 -29.80 -12.59 -1.38
N SER B 79 -28.82 -13.24 -2.02
CA SER B 79 -27.56 -13.56 -1.38
C SER B 79 -26.44 -13.60 -2.39
N HIS B 80 -25.23 -13.24 -1.99
CA HIS B 80 -24.05 -13.37 -2.84
C HIS B 80 -23.29 -14.59 -2.36
N CYS B 81 -23.14 -15.59 -3.23
CA CYS B 81 -22.31 -16.74 -2.91
C CYS B 81 -21.86 -17.38 -4.21
N GLY B 82 -20.77 -18.12 -4.18
CA GLY B 82 -20.37 -18.79 -5.39
C GLY B 82 -19.27 -19.78 -5.06
N LYS B 83 -19.19 -20.84 -5.85
CA LYS B 83 -18.01 -21.67 -5.85
C LYS B 83 -17.34 -21.36 -7.18
N GLY B 84 -16.19 -20.68 -7.18
CA GLY B 84 -15.51 -20.41 -8.43
C GLY B 84 -14.89 -21.71 -8.95
N LEU B 85 -14.74 -21.84 -10.26
CA LEU B 85 -14.20 -23.08 -10.83
C LEU B 85 -12.70 -23.17 -10.50
N SER B 86 -12.27 -24.34 -10.02
CA SER B 86 -10.85 -24.61 -9.84
C SER B 86 -10.16 -24.64 -11.21
N ASP B 87 -8.83 -24.44 -11.22
CA ASP B 87 -8.04 -24.58 -12.45
C ASP B 87 -8.24 -25.98 -13.03
N GLU B 88 -8.26 -26.99 -12.16
CA GLU B 88 -8.50 -28.36 -12.61
C GLU B 88 -9.86 -28.45 -13.32
N GLU B 89 -10.90 -27.93 -12.67
CA GLU B 89 -12.24 -27.99 -13.22
C GLU B 89 -12.31 -27.28 -14.56
N LEU B 90 -11.68 -26.11 -14.63
CA LEU B 90 -11.65 -25.31 -15.85
C LEU B 90 -10.92 -26.08 -16.96
N ALA B 91 -9.77 -26.69 -16.63
CA ALA B 91 -9.01 -27.49 -17.58
C ALA B 91 -9.77 -28.75 -17.98
N SER B 92 -10.39 -29.43 -17.01
CA SER B 92 -11.17 -30.62 -17.29
C SER B 92 -12.36 -30.27 -18.16
N GLY B 93 -12.91 -29.06 -17.92
CA GLY B 93 -14.14 -28.61 -18.54
C GLY B 93 -15.31 -29.26 -17.81
N ASP B 94 -14.98 -30.01 -16.74
CA ASP B 94 -15.98 -30.74 -15.99
C ASP B 94 -16.14 -30.10 -14.60
N PHE B 95 -17.35 -29.58 -14.32
CA PHE B 95 -17.64 -28.84 -13.11
C PHE B 95 -18.51 -29.71 -12.18
N SER B 96 -18.48 -31.02 -12.39
CA SER B 96 -19.44 -31.91 -11.74
C SER B 96 -19.23 -31.97 -10.23
N GLU B 97 -17.99 -31.88 -9.74
CA GLU B 97 -17.68 -31.94 -8.31
C GLU B 97 -18.24 -30.73 -7.54
N SER B 98 -18.35 -29.56 -8.21
CA SER B 98 -18.88 -28.35 -7.60
C SER B 98 -20.39 -28.44 -7.32
N MET B 99 -21.12 -29.29 -8.06
CA MET B 99 -22.57 -29.32 -7.99
C MET B 99 -23.09 -29.80 -6.63
N LYS B 100 -22.39 -30.70 -5.95
CA LYS B 100 -22.79 -31.16 -4.63
C LYS B 100 -22.93 -29.96 -3.70
N TRP B 101 -21.96 -29.03 -3.80
CA TRP B 101 -21.95 -27.85 -2.97
C TRP B 101 -23.21 -27.02 -3.19
N TRP B 102 -23.64 -26.93 -4.45
CA TRP B 102 -24.79 -26.13 -4.84
C TRP B 102 -26.10 -26.67 -4.28
N ASP B 103 -26.23 -27.99 -4.21
CA ASP B 103 -27.42 -28.60 -3.61
C ASP B 103 -27.69 -28.04 -2.23
N GLN B 104 -26.69 -28.14 -1.37
CA GLN B 104 -26.76 -27.64 -0.02
C GLN B 104 -27.02 -26.13 -0.05
N CYS B 105 -26.28 -25.44 -0.91
CA CYS B 105 -26.36 -24.00 -1.02
C CYS B 105 -27.79 -23.60 -1.31
N ILE B 106 -28.38 -24.23 -2.34
CA ILE B 106 -29.69 -23.85 -2.82
C ILE B 106 -30.75 -24.17 -1.75
N ALA B 107 -30.62 -25.33 -1.12
CA ALA B 107 -31.52 -25.76 -0.05
C ALA B 107 -31.48 -24.79 1.13
N ALA B 108 -30.27 -24.42 1.56
CA ALA B 108 -30.09 -23.39 2.57
C ALA B 108 -30.77 -22.07 2.18
N HIS B 109 -30.56 -21.63 0.94
CA HIS B 109 -31.09 -20.34 0.51
C HIS B 109 -32.62 -20.36 0.52
N LYS B 110 -33.20 -21.47 0.03
CA LYS B 110 -34.64 -21.65 0.03
C LYS B 110 -35.18 -21.59 1.46
N ALA B 111 -34.46 -22.20 2.40
CA ALA B 111 -34.86 -22.21 3.79
C ALA B 111 -34.78 -20.80 4.40
N ALA B 112 -33.88 -19.97 3.86
CA ALA B 112 -33.71 -18.63 4.39
C ALA B 112 -34.75 -17.67 3.81
N GLY B 113 -35.57 -18.12 2.85
CA GLY B 113 -36.64 -17.32 2.27
C GLY B 113 -36.24 -16.66 0.96
N MET B 114 -35.01 -16.93 0.49
CA MET B 114 -34.39 -16.20 -0.59
C MET B 114 -35.20 -16.36 -1.88
N GLU B 115 -35.31 -15.27 -2.65
CA GLU B 115 -35.92 -15.33 -3.96
C GLU B 115 -34.85 -15.49 -5.05
N TYR B 116 -33.63 -15.05 -4.73
CA TYR B 116 -32.54 -14.98 -5.69
C TYR B 116 -31.25 -15.44 -5.04
N ILE B 117 -30.39 -16.10 -5.84
CA ILE B 117 -29.00 -16.34 -5.51
C ILE B 117 -28.14 -15.69 -6.60
N VAL B 118 -27.08 -15.01 -6.20
CA VAL B 118 -26.18 -14.38 -7.15
C VAL B 118 -24.73 -14.72 -6.84
N THR B 119 -24.02 -15.16 -7.88
CA THR B 119 -22.58 -15.26 -7.87
C THR B 119 -21.98 -13.87 -8.10
N PRO B 120 -21.14 -13.39 -7.16
CA PRO B 120 -20.60 -12.03 -7.21
C PRO B 120 -19.36 -11.81 -8.08
N TYR B 121 -18.72 -12.89 -8.53
CA TYR B 121 -17.40 -12.78 -9.14
C TYR B 121 -17.05 -14.05 -9.92
N LEU B 122 -16.72 -13.87 -11.20
CA LEU B 122 -15.87 -14.79 -11.93
C LEU B 122 -14.75 -13.98 -12.56
N PRO B 123 -13.52 -14.50 -12.61
CA PRO B 123 -12.43 -13.80 -13.29
C PRO B 123 -12.57 -13.84 -14.81
N VAL B 124 -11.93 -12.90 -15.48
CA VAL B 124 -11.76 -12.97 -16.92
C VAL B 124 -10.94 -14.20 -17.25
N PRO B 125 -11.47 -15.20 -17.99
CA PRO B 125 -10.64 -16.33 -18.41
C PRO B 125 -9.75 -15.96 -19.60
N LYS B 126 -8.68 -16.75 -19.80
CA LYS B 126 -7.74 -16.53 -20.90
C LYS B 126 -8.36 -16.83 -22.25
N THR B 127 -9.26 -17.82 -22.34
CA THR B 127 -9.79 -18.25 -23.63
C THR B 127 -11.30 -18.26 -23.61
N LEU B 128 -11.88 -18.21 -24.82
CA LEU B 128 -13.30 -18.39 -25.04
C LEU B 128 -13.73 -19.81 -24.66
N LYS B 129 -12.86 -20.80 -24.86
CA LYS B 129 -13.18 -22.16 -24.45
C LYS B 129 -13.45 -22.20 -22.95
N GLU B 130 -12.60 -21.53 -22.16
CA GLU B 130 -12.80 -21.43 -20.72
C GLU B 130 -14.09 -20.67 -20.41
N MET B 131 -14.35 -19.59 -21.14
CA MET B 131 -15.55 -18.81 -20.88
C MET B 131 -16.79 -19.67 -21.09
N GLN B 132 -16.75 -20.55 -22.10
CA GLN B 132 -17.87 -21.44 -22.41
C GLN B 132 -18.06 -22.44 -21.26
N THR B 133 -16.96 -22.96 -20.68
CA THR B 133 -17.06 -23.82 -19.50
C THR B 133 -17.79 -23.06 -18.39
N TYR B 134 -17.47 -21.78 -18.19
CA TYR B 134 -18.16 -20.97 -17.19
C TYR B 134 -19.66 -20.90 -17.52
N CYS B 135 -20.02 -20.68 -18.79
CA CYS B 135 -21.41 -20.61 -19.18
C CYS B 135 -22.14 -21.94 -18.93
N ASP B 136 -21.46 -23.05 -19.27
CA ASP B 136 -21.97 -24.37 -18.94
C ASP B 136 -22.25 -24.48 -17.44
N TYR B 137 -21.30 -24.04 -16.61
CA TYR B 137 -21.42 -24.12 -15.16
C TYR B 137 -22.60 -23.27 -14.67
N LEU B 138 -22.67 -22.02 -15.15
CA LEU B 138 -23.71 -21.09 -14.76
C LEU B 138 -25.10 -21.62 -15.14
N ASN B 139 -25.21 -22.17 -16.34
CA ASN B 139 -26.47 -22.77 -16.80
C ASN B 139 -26.89 -23.91 -15.88
N ALA B 140 -25.95 -24.77 -15.53
CA ALA B 140 -26.21 -25.89 -14.62
C ALA B 140 -26.67 -25.40 -13.24
N ILE B 141 -25.98 -24.40 -12.66
CA ILE B 141 -26.40 -23.88 -11.35
C ILE B 141 -27.80 -23.31 -11.49
N GLY B 142 -28.01 -22.50 -12.54
CA GLY B 142 -29.28 -21.82 -12.72
C GLY B 142 -30.43 -22.81 -12.87
N LYS B 143 -30.18 -23.92 -13.59
CA LYS B 143 -31.22 -24.93 -13.80
C LYS B 143 -31.60 -25.52 -12.43
N LYS B 144 -30.59 -25.85 -11.63
CA LYS B 144 -30.84 -26.37 -10.30
C LYS B 144 -31.67 -25.36 -9.49
N CYS B 145 -31.29 -24.07 -9.55
CA CYS B 145 -31.98 -23.03 -8.81
C CYS B 145 -33.44 -22.97 -9.26
N ARG B 146 -33.65 -22.98 -10.59
CA ARG B 146 -34.96 -22.88 -11.18
C ARG B 146 -35.83 -24.03 -10.68
N GLU B 147 -35.22 -25.23 -10.62
CA GLU B 147 -35.88 -26.42 -10.15
C GLU B 147 -36.32 -26.23 -8.70
N ALA B 148 -35.50 -25.54 -7.88
CA ALA B 148 -35.81 -25.33 -6.47
C ALA B 148 -36.66 -24.08 -6.24
N GLY B 149 -37.01 -23.34 -7.29
CA GLY B 149 -37.83 -22.16 -7.15
C GLY B 149 -37.04 -20.87 -6.91
N ILE B 150 -35.74 -20.86 -7.19
CA ILE B 150 -34.87 -19.71 -6.90
C ILE B 150 -34.35 -19.16 -8.24
N LYS B 151 -34.35 -17.84 -8.41
CA LYS B 151 -33.74 -17.23 -9.60
C LYS B 151 -32.24 -17.09 -9.35
N TYR B 152 -31.42 -17.51 -10.31
CA TYR B 152 -29.97 -17.47 -10.20
C TYR B 152 -29.43 -16.34 -11.08
N GLY B 153 -28.49 -15.56 -10.53
CA GLY B 153 -27.99 -14.39 -11.24
C GLY B 153 -26.47 -14.27 -11.12
N TYR B 154 -25.88 -13.42 -11.98
CA TYR B 154 -24.47 -13.07 -11.92
C TYR B 154 -24.32 -11.57 -11.71
N HIS B 155 -23.42 -11.18 -10.78
CA HIS B 155 -23.15 -9.78 -10.46
C HIS B 155 -21.79 -9.41 -11.01
N ASN B 156 -21.73 -8.30 -11.76
CA ASN B 156 -20.51 -7.86 -12.42
C ASN B 156 -19.74 -6.82 -11.61
N HIS B 157 -18.43 -6.74 -11.85
CA HIS B 157 -17.62 -5.56 -11.56
C HIS B 157 -17.25 -4.95 -12.92
N ALA B 158 -16.12 -4.25 -13.01
CA ALA B 158 -15.70 -3.62 -14.26
C ALA B 158 -15.09 -4.64 -15.21
N HIS B 159 -14.37 -5.64 -14.69
CA HIS B 159 -13.52 -6.51 -15.50
C HIS B 159 -14.28 -7.29 -16.61
N GLU B 160 -15.57 -7.59 -16.38
CA GLU B 160 -16.38 -8.36 -17.32
C GLU B 160 -16.55 -7.60 -18.65
N PHE B 161 -16.24 -6.28 -18.67
CA PHE B 161 -16.34 -5.48 -19.89
C PHE B 161 -15.09 -5.66 -20.75
N GLN B 162 -14.06 -6.33 -20.22
CA GLN B 162 -12.89 -6.66 -21.00
C GLN B 162 -13.20 -7.73 -22.05
N LYS B 163 -12.44 -7.73 -23.14
CA LYS B 163 -12.57 -8.75 -24.17
C LYS B 163 -11.77 -10.00 -23.80
N ILE B 164 -12.25 -11.17 -24.23
CA ILE B 164 -11.51 -12.42 -24.11
C ILE B 164 -10.93 -12.77 -25.48
N GLU B 165 -9.60 -12.93 -25.55
CA GLU B 165 -8.89 -13.32 -26.76
C GLU B 165 -9.04 -12.24 -27.82
N ASP B 166 -9.36 -11.01 -27.36
CA ASP B 166 -9.63 -9.88 -28.23
C ASP B 166 -10.85 -10.10 -29.12
N LYS B 167 -11.70 -11.09 -28.79
CA LYS B 167 -12.82 -11.47 -29.64
C LYS B 167 -14.16 -11.07 -29.02
N ALA B 168 -14.44 -11.50 -27.78
CA ALA B 168 -15.77 -11.29 -27.20
C ALA B 168 -15.64 -10.61 -25.84
N VAL B 169 -16.53 -9.65 -25.59
CA VAL B 169 -16.65 -9.07 -24.27
C VAL B 169 -17.19 -10.17 -23.34
N MET B 170 -16.57 -10.35 -22.17
CA MET B 170 -16.95 -11.41 -21.25
C MET B 170 -18.43 -11.38 -20.89
N LEU B 171 -18.95 -10.23 -20.45
CA LEU B 171 -20.33 -10.17 -20.00
C LEU B 171 -21.29 -10.50 -21.15
N ASP B 172 -20.99 -9.98 -22.36
CA ASP B 172 -21.82 -10.22 -23.53
C ASP B 172 -21.90 -11.72 -23.84
N TYR B 173 -20.75 -12.39 -23.76
CA TYR B 173 -20.67 -13.82 -24.03
C TYR B 173 -21.52 -14.56 -23.02
N MET B 174 -21.42 -14.15 -21.75
CA MET B 174 -22.14 -14.83 -20.67
C MET B 174 -23.64 -14.72 -20.92
N ILE B 175 -24.11 -13.51 -21.22
CA ILE B 175 -25.53 -13.26 -21.44
C ILE B 175 -25.99 -14.11 -22.64
N GLU B 176 -25.20 -14.11 -23.71
CA GLU B 176 -25.61 -14.73 -24.97
C GLU B 176 -25.56 -16.25 -24.86
N ASN B 177 -24.70 -16.80 -23.99
CA ASN B 177 -24.49 -18.24 -23.92
C ASN B 177 -25.08 -18.83 -22.63
N THR B 178 -26.01 -18.12 -22.01
CA THR B 178 -26.74 -18.67 -20.87
C THR B 178 -28.21 -18.47 -21.14
N ASP B 179 -29.00 -19.46 -20.76
CA ASP B 179 -30.45 -19.39 -20.94
C ASP B 179 -31.02 -18.34 -19.99
N PRO B 180 -31.86 -17.37 -20.46
CA PRO B 180 -32.42 -16.34 -19.57
C PRO B 180 -33.10 -16.88 -18.32
N GLU B 181 -33.63 -18.11 -18.41
CA GLU B 181 -34.38 -18.69 -17.31
C GLU B 181 -33.40 -19.30 -16.31
N ASN B 182 -32.14 -19.50 -16.72
CA ASN B 182 -31.14 -20.03 -15.81
C ASN B 182 -30.29 -18.93 -15.19
N LEU B 183 -30.16 -17.79 -15.90
CA LEU B 183 -29.25 -16.75 -15.46
C LEU B 183 -29.82 -15.38 -15.83
N PHE B 184 -29.93 -14.51 -14.82
CA PHE B 184 -30.12 -13.08 -15.04
C PHE B 184 -28.86 -12.33 -14.60
N ILE B 185 -28.78 -11.04 -14.95
CA ILE B 185 -27.63 -10.25 -14.55
C ILE B 185 -28.08 -9.26 -13.49
N GLU B 186 -27.47 -9.32 -12.31
CA GLU B 186 -27.59 -8.28 -11.30
C GLU B 186 -26.58 -7.19 -11.64
N LEU B 187 -27.00 -6.23 -12.47
CA LEU B 187 -26.03 -5.36 -13.10
C LEU B 187 -25.66 -4.31 -12.05
N ASP B 188 -24.37 -4.17 -11.81
CA ASP B 188 -23.87 -3.05 -11.05
C ASP B 188 -23.61 -1.90 -12.00
N VAL B 189 -24.43 -0.85 -11.88
CA VAL B 189 -24.39 0.25 -12.84
C VAL B 189 -23.12 1.07 -12.68
N TYR B 190 -22.60 1.22 -11.44
CA TYR B 190 -21.34 1.91 -11.25
C TYR B 190 -20.23 1.19 -12.02
N TRP B 191 -20.04 -0.11 -11.76
CA TRP B 191 -18.93 -0.80 -12.39
C TRP B 191 -19.12 -0.92 -13.90
N ALA B 192 -20.38 -1.01 -14.37
CA ALA B 192 -20.68 -0.92 -15.80
C ALA B 192 -20.05 0.37 -16.34
N VAL B 193 -20.33 1.49 -15.68
CA VAL B 193 -19.80 2.78 -16.12
C VAL B 193 -18.28 2.73 -16.06
N MET B 194 -17.73 2.18 -14.99
CA MET B 194 -16.30 2.11 -14.82
C MET B 194 -15.68 1.28 -15.93
N GLY B 195 -16.46 0.32 -16.48
CA GLY B 195 -16.01 -0.50 -17.59
C GLY B 195 -16.35 0.11 -18.95
N LYS B 196 -16.73 1.40 -18.93
CA LYS B 196 -17.03 2.20 -20.12
C LYS B 196 -18.31 1.71 -20.80
N ALA B 197 -19.19 1.02 -20.06
CA ALA B 197 -20.40 0.48 -20.64
C ALA B 197 -21.55 1.44 -20.32
N SER B 198 -22.44 1.65 -21.30
CA SER B 198 -23.71 2.33 -21.06
C SER B 198 -24.70 1.37 -20.44
N PRO B 199 -25.21 1.59 -19.22
CA PRO B 199 -26.24 0.69 -18.69
C PRO B 199 -27.45 0.62 -19.60
N VAL B 200 -27.88 1.76 -20.13
CA VAL B 200 -29.10 1.81 -20.93
C VAL B 200 -28.89 1.04 -22.24
N ASP B 201 -27.71 1.16 -22.86
CA ASP B 201 -27.45 0.44 -24.09
C ASP B 201 -27.45 -1.06 -23.80
N TYR B 202 -26.94 -1.46 -22.63
CA TYR B 202 -26.98 -2.87 -22.24
C TYR B 202 -28.43 -3.31 -22.07
N PHE B 203 -29.26 -2.50 -21.39
CA PHE B 203 -30.67 -2.82 -21.23
C PHE B 203 -31.35 -3.11 -22.58
N HIS B 204 -31.06 -2.29 -23.60
CA HIS B 204 -31.72 -2.36 -24.89
C HIS B 204 -31.17 -3.52 -25.72
N LYS B 205 -29.92 -3.91 -25.47
CA LYS B 205 -29.29 -5.00 -26.19
C LYS B 205 -29.80 -6.32 -25.66
N TYR B 206 -30.02 -6.41 -24.33
CA TYR B 206 -30.46 -7.64 -23.71
C TYR B 206 -31.69 -7.42 -22.84
N PRO B 207 -32.85 -7.07 -23.44
CA PRO B 207 -34.06 -6.75 -22.66
C PRO B 207 -34.48 -7.91 -21.78
N GLY B 208 -34.91 -7.58 -20.55
CA GLY B 208 -35.43 -8.59 -19.63
C GLY B 208 -34.36 -9.30 -18.81
N ARG B 209 -33.07 -9.21 -19.17
CA ARG B 209 -32.07 -10.00 -18.47
C ARG B 209 -31.62 -9.37 -17.13
N PHE B 210 -31.93 -8.08 -16.88
CA PHE B 210 -31.44 -7.38 -15.70
C PHE B 210 -32.52 -7.34 -14.61
N LYS B 211 -32.79 -8.50 -14.01
CA LYS B 211 -33.89 -8.63 -13.07
C LYS B 211 -33.62 -7.93 -11.75
N MET B 212 -32.35 -7.64 -11.46
CA MET B 212 -32.05 -6.80 -10.31
C MET B 212 -30.91 -5.90 -10.71
N LEU B 213 -30.83 -4.71 -10.09
CA LEU B 213 -29.70 -3.80 -10.25
C LEU B 213 -29.00 -3.67 -8.89
N HIS B 214 -27.67 -3.57 -8.94
CA HIS B 214 -26.91 -2.94 -7.88
C HIS B 214 -26.83 -1.45 -8.15
N ILE B 215 -27.51 -0.72 -7.28
CA ILE B 215 -27.45 0.72 -7.29
C ILE B 215 -26.22 1.09 -6.47
N LYS B 216 -25.14 1.32 -7.19
CA LYS B 216 -23.88 1.70 -6.60
C LYS B 216 -23.38 2.97 -7.25
N ASP B 217 -22.54 3.68 -6.51
CA ASP B 217 -21.84 4.87 -6.96
C ASP B 217 -20.41 4.73 -6.42
N ARG B 218 -19.60 5.78 -6.51
CA ARG B 218 -18.25 5.69 -5.95
C ARG B 218 -18.34 5.61 -4.42
N ARG B 219 -19.14 6.51 -3.85
CA ARG B 219 -19.42 6.49 -2.43
C ARG B 219 -20.94 6.54 -2.29
N GLU B 220 -21.47 7.66 -1.82
CA GLU B 220 -22.90 7.74 -1.59
C GLU B 220 -23.58 7.81 -2.95
N ILE B 221 -24.74 7.14 -3.02
CA ILE B 221 -25.49 7.05 -4.24
C ILE B 221 -25.89 8.45 -4.71
N GLY B 222 -25.53 8.77 -5.94
CA GLY B 222 -25.86 10.06 -6.54
C GLY B 222 -24.94 11.22 -6.15
N GLN B 223 -23.77 10.99 -5.54
CA GLN B 223 -22.90 12.09 -5.11
C GLN B 223 -21.83 12.41 -6.16
N SER B 224 -21.41 11.42 -6.97
CA SER B 224 -20.13 11.50 -7.66
C SER B 224 -20.19 12.25 -8.96
N GLY B 225 -21.35 12.16 -9.61
CA GLY B 225 -21.52 12.64 -10.98
C GLY B 225 -21.18 11.58 -12.02
N MET B 226 -20.85 10.36 -11.60
CA MET B 226 -20.40 9.30 -12.49
C MET B 226 -21.53 8.37 -12.92
N VAL B 227 -22.73 8.51 -12.34
CA VAL B 227 -23.79 7.55 -12.63
C VAL B 227 -25.08 8.29 -12.94
N GLY B 228 -25.62 7.99 -14.13
CA GLY B 228 -26.85 8.58 -14.59
C GLY B 228 -28.07 7.77 -14.16
N PHE B 229 -28.40 7.85 -12.86
CA PHE B 229 -29.51 7.11 -12.30
C PHE B 229 -30.84 7.47 -12.97
N ASP B 230 -31.01 8.73 -13.40
CA ASP B 230 -32.23 9.15 -14.07
C ASP B 230 -32.48 8.25 -15.29
N ALA B 231 -31.46 8.12 -16.13
CA ALA B 231 -31.59 7.37 -17.38
C ALA B 231 -31.78 5.87 -17.11
N ILE B 232 -31.08 5.36 -16.10
CA ILE B 232 -31.15 3.96 -15.72
C ILE B 232 -32.56 3.60 -15.29
N PHE B 233 -33.16 4.43 -14.44
CA PHE B 233 -34.47 4.12 -13.89
C PHE B 233 -35.55 4.34 -14.96
N GLU B 234 -35.28 5.29 -15.86
CA GLU B 234 -36.16 5.55 -16.98
C GLU B 234 -36.27 4.32 -17.89
N ASN B 235 -35.25 3.44 -17.89
CA ASN B 235 -35.20 2.32 -18.81
C ASN B 235 -35.37 0.99 -18.06
N ALA B 236 -35.85 1.04 -16.80
CA ALA B 236 -35.88 -0.11 -15.92
C ALA B 236 -36.79 -1.22 -16.46
N LYS B 237 -37.85 -0.82 -17.17
CA LYS B 237 -38.83 -1.81 -17.63
C LYS B 237 -38.24 -2.60 -18.80
N THR B 238 -37.51 -1.94 -19.70
CA THR B 238 -36.79 -2.61 -20.77
C THR B 238 -35.78 -3.58 -20.16
N ALA B 239 -35.14 -3.15 -19.06
CA ALA B 239 -34.09 -3.92 -18.43
C ALA B 239 -34.68 -5.21 -17.84
N GLY B 240 -35.88 -5.10 -17.25
CA GLY B 240 -36.57 -6.19 -16.58
C GLY B 240 -36.40 -6.15 -15.07
N VAL B 241 -36.13 -4.97 -14.53
CA VAL B 241 -35.86 -4.80 -13.12
C VAL B 241 -37.06 -5.24 -12.28
N GLU B 242 -36.79 -6.13 -11.31
CA GLU B 242 -37.77 -6.58 -10.34
C GLU B 242 -37.48 -6.02 -8.94
N ASN B 243 -36.18 -5.88 -8.61
CA ASN B 243 -35.78 -5.31 -7.32
C ASN B 243 -34.51 -4.50 -7.52
N ILE B 244 -34.32 -3.50 -6.67
CA ILE B 244 -33.09 -2.72 -6.68
C ILE B 244 -32.45 -2.83 -5.31
N ILE B 245 -31.11 -2.91 -5.32
CA ILE B 245 -30.35 -3.15 -4.13
C ILE B 245 -29.22 -2.12 -4.09
N VAL B 246 -29.18 -1.34 -2.99
CA VAL B 246 -28.10 -0.42 -2.72
C VAL B 246 -26.84 -1.19 -2.34
N GLU B 247 -25.71 -0.72 -2.88
CA GLU B 247 -24.40 -1.18 -2.47
C GLU B 247 -23.50 0.05 -2.35
N VAL B 248 -22.79 0.08 -1.21
CA VAL B 248 -21.86 1.12 -0.89
C VAL B 248 -20.66 0.45 -0.27
N GLU B 249 -19.50 0.64 -0.90
CA GLU B 249 -18.26 0.06 -0.41
C GLU B 249 -17.26 1.11 0.05
N GLN B 250 -17.45 2.38 -0.35
CA GLN B 250 -16.59 3.47 0.09
C GLN B 250 -17.50 4.58 0.58
N TYR B 251 -16.98 5.38 1.54
CA TYR B 251 -17.78 6.21 2.41
C TYR B 251 -17.18 7.60 2.60
N SER B 252 -18.01 8.61 2.43
CA SER B 252 -17.67 10.00 2.75
C SER B 252 -17.87 10.25 4.25
N TYR B 253 -18.74 9.46 4.90
CA TYR B 253 -19.02 9.62 6.32
C TYR B 253 -18.82 8.28 7.02
N ASP B 254 -19.34 8.19 8.24
CA ASP B 254 -19.48 6.91 8.91
C ASP B 254 -20.40 6.04 8.07
N VAL B 255 -20.30 4.72 8.25
CA VAL B 255 -20.91 3.79 7.32
C VAL B 255 -22.44 3.95 7.30
N GLU B 256 -23.08 4.04 8.46
CA GLU B 256 -24.54 4.03 8.53
C GLU B 256 -25.08 5.31 7.89
N LYS B 257 -24.40 6.44 8.13
CA LYS B 257 -24.79 7.69 7.51
C LYS B 257 -24.69 7.60 5.99
N SER B 258 -23.57 7.06 5.47
CA SER B 258 -23.35 6.96 4.04
C SER B 258 -24.46 6.12 3.38
N VAL B 259 -24.82 5.02 4.05
CA VAL B 259 -25.81 4.07 3.54
C VAL B 259 -27.22 4.66 3.68
N LYS B 260 -27.42 5.46 4.73
CA LYS B 260 -28.69 6.16 4.92
C LYS B 260 -28.89 7.22 3.85
N LEU B 261 -27.87 8.04 3.59
CA LEU B 261 -27.96 9.10 2.59
C LEU B 261 -28.17 8.47 1.22
N SER B 262 -27.58 7.30 0.98
CA SER B 262 -27.78 6.58 -0.28
C SER B 262 -29.26 6.24 -0.48
N LEU B 263 -29.88 5.66 0.54
CA LEU B 263 -31.30 5.37 0.50
C LEU B 263 -32.10 6.64 0.24
N ASP B 264 -31.76 7.73 0.96
CA ASP B 264 -32.54 8.96 0.87
C ASP B 264 -32.55 9.50 -0.56
N TYR B 265 -31.43 9.35 -1.27
CA TYR B 265 -31.37 9.80 -2.65
C TYR B 265 -32.48 9.12 -3.47
N LEU B 266 -32.62 7.80 -3.32
CA LEU B 266 -33.59 7.02 -4.07
C LEU B 266 -35.02 7.30 -3.62
N LEU B 267 -35.23 7.52 -2.32
CA LEU B 267 -36.53 7.89 -1.78
C LEU B 267 -37.02 9.22 -2.35
N GLU B 268 -36.12 10.20 -2.47
CA GLU B 268 -36.49 11.53 -2.93
C GLU B 268 -36.55 11.58 -4.46
N ALA B 269 -35.88 10.64 -5.15
CA ALA B 269 -35.80 10.70 -6.60
C ALA B 269 -37.14 10.27 -7.19
N PRO B 270 -37.82 11.15 -7.97
CA PRO B 270 -39.09 10.81 -8.60
C PRO B 270 -39.07 9.63 -9.56
N PHE B 271 -37.93 9.36 -10.22
CA PHE B 271 -37.86 8.32 -11.24
C PHE B 271 -37.70 6.92 -10.63
N VAL B 272 -37.46 6.84 -9.33
CA VAL B 272 -37.42 5.57 -8.62
C VAL B 272 -38.83 5.26 -8.14
N LYS B 273 -39.47 4.23 -8.69
CA LYS B 273 -40.79 3.83 -8.26
C LYS B 273 -40.78 3.15 -6.89
N ALA B 274 -41.98 3.04 -6.32
CA ALA B 274 -42.23 2.43 -5.02
C ALA B 274 -41.95 0.93 -5.05
N SER B 275 -42.05 0.33 -6.23
CA SER B 275 -41.89 -1.10 -6.37
C SER B 275 -41.60 -1.47 -7.83
N TYR B 276 -40.78 -2.55 -8.01
CA TYR B 276 -40.55 -3.12 -9.34
C TYR B 276 -41.03 -4.57 -9.46
N SER B 277 -41.74 -5.11 -8.47
CA SER B 277 -42.20 -6.49 -8.52
C SER B 277 -43.19 -6.70 -9.67
N ASP C 6 38.86 -10.23 -11.54
CA ASP C 6 37.96 -11.40 -11.33
C ASP C 6 37.12 -11.26 -10.09
N ALA C 7 36.06 -12.08 -9.99
CA ALA C 7 35.04 -11.89 -8.97
C ALA C 7 35.02 -13.04 -8.00
N LYS C 8 35.46 -12.76 -6.81
CA LYS C 8 35.57 -13.80 -5.82
C LYS C 8 34.17 -14.35 -5.54
N LYS C 9 33.15 -13.47 -5.54
CA LYS C 9 31.81 -13.85 -5.10
C LYS C 9 30.75 -13.10 -5.90
N ASP C 10 29.61 -13.76 -6.14
CA ASP C 10 28.46 -13.16 -6.79
C ASP C 10 27.68 -12.38 -5.72
N ILE C 11 27.78 -11.06 -5.79
CA ILE C 11 27.11 -10.19 -4.84
C ILE C 11 26.41 -9.10 -5.62
N GLY C 12 25.13 -8.92 -5.31
CA GLY C 12 24.30 -7.94 -5.98
C GLY C 12 24.27 -6.60 -5.24
N ILE C 13 23.85 -5.54 -5.96
CA ILE C 13 23.66 -4.24 -5.35
C ILE C 13 22.29 -3.68 -5.72
N GLN C 14 21.58 -3.16 -4.72
CA GLN C 14 20.33 -2.45 -4.96
C GLN C 14 20.71 -1.03 -5.34
N LEU C 15 20.30 -0.54 -6.53
CA LEU C 15 20.68 0.77 -7.04
C LEU C 15 20.08 1.92 -6.21
N TYR C 16 19.06 1.64 -5.40
CA TYR C 16 18.50 2.63 -4.50
C TYR C 16 19.60 3.07 -3.56
N SER C 17 20.53 2.17 -3.23
CA SER C 17 21.66 2.45 -2.36
C SER C 17 22.50 3.62 -2.90
N VAL C 18 22.55 3.82 -4.24
CA VAL C 18 23.35 4.86 -4.91
C VAL C 18 22.42 5.91 -5.53
N ARG C 19 21.21 6.05 -4.97
CA ARG C 19 20.23 6.97 -5.50
C ARG C 19 20.75 8.41 -5.54
N ASP C 20 21.57 8.81 -4.56
CA ASP C 20 22.08 10.17 -4.54
C ASP C 20 23.11 10.38 -5.66
N LEU C 21 23.76 9.31 -6.10
CA LEU C 21 24.78 9.39 -7.13
C LEU C 21 24.21 9.35 -8.55
N ILE C 22 22.91 9.11 -8.70
CA ILE C 22 22.32 9.14 -10.04
C ILE C 22 21.81 10.55 -10.23
N GLY C 23 22.36 11.24 -11.23
CA GLY C 23 22.21 12.68 -11.36
C GLY C 23 21.68 13.08 -12.73
N SER C 24 21.49 14.38 -12.90
CA SER C 24 20.85 14.89 -14.09
C SER C 24 21.64 16.09 -14.61
N PHE C 25 21.94 16.12 -15.92
CA PHE C 25 22.66 17.24 -16.50
C PHE C 25 22.22 17.45 -17.95
N GLY C 26 22.02 18.73 -18.29
CA GLY C 26 21.59 19.09 -19.63
C GLY C 26 20.32 18.32 -19.97
N ARG C 27 20.34 17.57 -21.07
CA ARG C 27 19.17 16.79 -21.44
C ARG C 27 19.23 15.36 -20.87
N ASN C 28 20.34 15.01 -20.18
CA ASN C 28 20.46 13.69 -19.58
C ASN C 28 19.83 13.75 -18.20
N GLN C 29 18.62 13.22 -18.07
CA GLN C 29 17.84 13.32 -16.84
C GLN C 29 18.23 12.33 -15.70
N HIS C 30 18.59 11.06 -15.98
CA HIS C 30 18.89 10.14 -14.88
C HIS C 30 20.13 9.33 -15.22
N ASP C 31 21.32 9.93 -15.10
CA ASP C 31 22.51 9.30 -15.63
C ASP C 31 23.07 8.31 -14.63
N TYR C 32 22.71 7.03 -14.81
CA TYR C 32 23.12 5.93 -13.95
C TYR C 32 24.46 5.36 -14.42
N LYS C 33 24.85 5.63 -15.66
CA LYS C 33 26.01 4.96 -16.23
C LYS C 33 27.28 5.16 -15.40
N PRO C 34 27.60 6.37 -14.93
CA PRO C 34 28.83 6.51 -14.14
C PRO C 34 28.84 5.64 -12.88
N VAL C 35 27.70 5.58 -12.18
CA VAL C 35 27.61 4.77 -10.98
C VAL C 35 27.69 3.27 -11.30
N LEU C 36 27.14 2.83 -12.42
CA LEU C 36 27.21 1.43 -12.79
C LEU C 36 28.66 1.02 -12.88
N LYS C 37 29.48 1.83 -13.55
CA LYS C 37 30.88 1.51 -13.72
C LYS C 37 31.56 1.47 -12.35
N ALA C 38 31.21 2.44 -11.49
CA ALA C 38 31.85 2.51 -10.19
C ALA C 38 31.58 1.23 -9.41
N LEU C 39 30.34 0.76 -9.49
CA LEU C 39 29.90 -0.42 -8.78
C LEU C 39 30.56 -1.67 -9.33
N ALA C 40 30.68 -1.77 -10.65
CA ALA C 40 31.35 -2.90 -11.28
C ALA C 40 32.83 -2.92 -10.88
N ASP C 41 33.44 -1.74 -10.85
CA ASP C 41 34.85 -1.61 -10.49
C ASP C 41 35.06 -2.03 -9.04
N MET C 42 34.08 -1.71 -8.18
CA MET C 42 34.10 -2.15 -6.80
C MET C 42 34.11 -3.67 -6.73
N GLY C 43 33.44 -4.33 -7.69
CA GLY C 43 33.33 -5.77 -7.65
C GLY C 43 31.89 -6.31 -7.53
N TYR C 44 30.86 -5.45 -7.54
CA TYR C 44 29.49 -5.97 -7.59
C TYR C 44 29.26 -6.70 -8.91
N THR C 45 28.53 -7.82 -8.87
CA THR C 45 28.33 -8.67 -10.03
C THR C 45 26.93 -8.58 -10.61
N SER C 46 25.94 -8.08 -9.83
CA SER C 46 24.55 -8.01 -10.27
C SER C 46 23.92 -6.71 -9.78
N ILE C 47 22.87 -6.26 -10.46
CA ILE C 47 22.13 -5.10 -9.98
C ILE C 47 20.67 -5.48 -9.71
N GLU C 48 20.08 -4.76 -8.75
CA GLU C 48 18.64 -4.73 -8.58
C GLU C 48 18.20 -3.31 -8.78
N ALA C 49 17.33 -3.12 -9.77
CA ALA C 49 16.88 -1.79 -10.16
C ALA C 49 15.87 -1.27 -9.12
N ALA C 50 15.76 0.06 -9.10
CA ALA C 50 14.73 0.71 -8.30
C ALA C 50 14.23 1.91 -9.04
N SER C 51 13.80 1.69 -10.28
CA SER C 51 13.29 2.80 -11.05
C SER C 51 12.58 2.31 -12.31
N TYR C 52 11.41 1.70 -12.14
CA TYR C 52 10.66 1.20 -13.26
C TYR C 52 9.47 2.14 -13.46
N ASN C 53 9.14 2.43 -14.71
CA ASN C 53 8.02 3.30 -15.02
C ASN C 53 7.68 3.19 -16.50
N ASP C 54 6.44 2.79 -16.79
CA ASP C 54 5.87 2.91 -18.13
C ASP C 54 6.79 2.22 -19.14
N GLY C 55 7.11 0.97 -18.88
CA GLY C 55 7.91 0.16 -19.75
C GLY C 55 9.39 0.53 -19.75
N LYS C 56 9.82 1.46 -18.89
CA LYS C 56 11.19 1.96 -18.91
C LYS C 56 11.88 1.85 -17.54
N PHE C 57 13.22 1.85 -17.59
CA PHE C 57 14.11 1.81 -16.45
C PHE C 57 15.02 3.03 -16.46
N TYR C 58 14.88 3.86 -15.43
CA TYR C 58 15.60 5.13 -15.33
C TYR C 58 15.29 5.97 -16.57
N GLY C 59 14.09 5.78 -17.15
CA GLY C 59 13.65 6.54 -18.30
C GLY C 59 14.21 6.00 -19.61
N ASN C 60 14.95 4.88 -19.58
CA ASN C 60 15.47 4.25 -20.79
C ASN C 60 14.68 3.01 -21.18
N THR C 61 14.89 2.53 -22.42
CA THR C 61 14.20 1.34 -22.87
C THR C 61 14.79 0.14 -22.13
N PRO C 62 14.06 -0.99 -21.99
CA PRO C 62 14.63 -2.21 -21.40
C PRO C 62 15.87 -2.69 -22.13
N GLU C 63 15.92 -2.51 -23.46
CA GLU C 63 17.08 -2.91 -24.25
C GLU C 63 18.28 -2.03 -23.88
N GLU C 64 18.08 -0.71 -23.78
CA GLU C 64 19.19 0.19 -23.48
C GLU C 64 19.69 -0.09 -22.07
N PHE C 65 18.78 -0.36 -21.12
CA PHE C 65 19.16 -0.63 -19.75
C PHE C 65 19.97 -1.91 -19.68
N ARG C 66 19.51 -2.96 -20.36
CA ARG C 66 20.23 -4.22 -20.39
C ARG C 66 21.62 -3.98 -20.97
N ARG C 67 21.68 -3.27 -22.09
CA ARG C 67 22.96 -2.97 -22.74
C ARG C 67 23.90 -2.28 -21.77
N ASP C 68 23.40 -1.23 -21.09
CA ASP C 68 24.25 -0.42 -20.20
C ASP C 68 24.77 -1.26 -19.03
N VAL C 69 23.91 -2.09 -18.41
CA VAL C 69 24.32 -2.93 -17.30
C VAL C 69 25.31 -4.00 -17.79
N GLU C 70 25.01 -4.60 -18.95
CA GLU C 70 25.92 -5.59 -19.50
C GLU C 70 27.28 -4.95 -19.84
N ALA C 71 27.27 -3.70 -20.32
CA ALA C 71 28.51 -3.07 -20.77
C ALA C 71 29.52 -3.01 -19.64
N VAL C 72 29.04 -2.74 -18.41
CA VAL C 72 29.91 -2.66 -17.24
C VAL C 72 30.30 -4.06 -16.74
N GLY C 73 29.72 -5.14 -17.28
CA GLY C 73 30.06 -6.48 -16.84
C GLY C 73 29.24 -6.96 -15.66
N MET C 74 28.08 -6.34 -15.39
CA MET C 74 27.21 -6.76 -14.31
C MET C 74 25.92 -7.37 -14.88
N LYS C 75 25.35 -8.36 -14.18
CA LYS C 75 24.13 -9.03 -14.61
C LYS C 75 22.89 -8.19 -14.30
N VAL C 76 21.89 -8.24 -15.19
CA VAL C 76 20.58 -7.68 -14.93
C VAL C 76 19.79 -8.76 -14.18
N LEU C 77 19.62 -8.61 -12.86
CA LEU C 77 19.07 -9.70 -12.07
C LEU C 77 17.64 -9.44 -11.60
N SER C 78 17.41 -8.28 -10.96
CA SER C 78 16.12 -8.02 -10.31
C SER C 78 15.77 -6.55 -10.41
N SER C 79 14.51 -6.24 -10.06
CA SER C 79 13.98 -4.89 -10.12
C SER C 79 12.94 -4.73 -9.02
N HIS C 80 12.91 -3.56 -8.40
CA HIS C 80 11.86 -3.21 -7.46
C HIS C 80 10.83 -2.37 -8.19
N CYS C 81 9.61 -2.86 -8.25
CA CYS C 81 8.49 -2.08 -8.74
C CYS C 81 7.23 -2.71 -8.18
N GLY C 82 6.16 -1.93 -8.09
CA GLY C 82 4.93 -2.42 -7.53
C GLY C 82 3.83 -1.43 -7.84
N LYS C 83 2.60 -1.93 -7.87
CA LYS C 83 1.43 -1.06 -7.89
C LYS C 83 0.62 -1.47 -6.67
N GLY C 84 0.51 -0.58 -5.68
CA GLY C 84 -0.31 -0.87 -4.51
C GLY C 84 -1.79 -0.83 -4.89
N LEU C 85 -2.62 -1.58 -4.16
CA LEU C 85 -4.05 -1.59 -4.43
C LEU C 85 -4.66 -0.25 -3.98
N SER C 86 -5.59 0.28 -4.79
CA SER C 86 -6.38 1.44 -4.44
C SER C 86 -7.33 1.05 -3.31
N ASP C 87 -7.83 2.05 -2.54
CA ASP C 87 -8.85 1.79 -1.54
C ASP C 87 -10.06 1.14 -2.18
N GLU C 88 -10.43 1.60 -3.38
CA GLU C 88 -11.58 1.05 -4.09
C GLU C 88 -11.32 -0.43 -4.40
N GLU C 89 -10.12 -0.72 -4.88
CA GLU C 89 -9.75 -2.09 -5.20
C GLU C 89 -9.77 -2.96 -3.96
N LEU C 90 -9.27 -2.42 -2.83
CA LEU C 90 -9.27 -3.17 -1.59
C LEU C 90 -10.70 -3.49 -1.16
N ALA C 91 -11.59 -2.49 -1.21
CA ALA C 91 -12.99 -2.67 -0.85
C ALA C 91 -13.69 -3.58 -1.84
N SER C 92 -13.44 -3.38 -3.15
CA SER C 92 -14.11 -4.16 -4.19
C SER C 92 -13.66 -5.61 -4.09
N GLY C 93 -12.39 -5.79 -3.76
CA GLY C 93 -11.77 -7.10 -3.79
C GLY C 93 -11.39 -7.46 -5.20
N ASP C 94 -11.64 -6.55 -6.15
CA ASP C 94 -11.33 -6.74 -7.55
C ASP C 94 -10.11 -5.90 -7.92
N PHE C 95 -9.00 -6.59 -8.25
CA PHE C 95 -7.74 -5.94 -8.56
C PHE C 95 -7.46 -6.02 -10.07
N SER C 96 -8.50 -6.32 -10.85
CA SER C 96 -8.31 -6.62 -12.28
C SER C 96 -7.80 -5.41 -13.08
N GLU C 97 -8.17 -4.18 -12.70
CA GLU C 97 -7.73 -2.98 -13.40
C GLU C 97 -6.21 -2.76 -13.24
N SER C 98 -5.65 -3.13 -12.08
CA SER C 98 -4.22 -3.06 -11.81
C SER C 98 -3.42 -4.01 -12.71
N MET C 99 -4.03 -5.13 -13.14
CA MET C 99 -3.32 -6.16 -13.88
C MET C 99 -2.77 -5.68 -15.22
N LYS C 100 -3.43 -4.70 -15.86
CA LYS C 100 -2.98 -4.20 -17.15
C LYS C 100 -1.57 -3.62 -17.01
N TRP C 101 -1.35 -2.90 -15.89
CA TRP C 101 -0.07 -2.29 -15.56
C TRP C 101 1.02 -3.35 -15.56
N TRP C 102 0.71 -4.50 -14.96
CA TRP C 102 1.65 -5.58 -14.79
C TRP C 102 2.08 -6.19 -16.13
N ASP C 103 1.14 -6.32 -17.07
CA ASP C 103 1.47 -6.82 -18.39
C ASP C 103 2.63 -6.02 -18.99
N GLN C 104 2.53 -4.68 -18.93
CA GLN C 104 3.57 -3.85 -19.50
C GLN C 104 4.86 -4.05 -18.71
N CYS C 105 4.71 -4.06 -17.38
CA CYS C 105 5.84 -4.18 -16.48
C CYS C 105 6.61 -5.47 -16.75
N ILE C 106 5.89 -6.60 -16.80
CA ILE C 106 6.51 -7.90 -16.97
C ILE C 106 7.23 -8.00 -18.31
N ALA C 107 6.59 -7.56 -19.40
CA ALA C 107 7.23 -7.64 -20.73
C ALA C 107 8.49 -6.78 -20.76
N ALA C 108 8.45 -5.58 -20.15
CA ALA C 108 9.65 -4.74 -20.08
C ALA C 108 10.78 -5.46 -19.32
N HIS C 109 10.43 -6.11 -18.20
CA HIS C 109 11.40 -6.83 -17.39
C HIS C 109 11.99 -8.00 -18.16
N LYS C 110 11.17 -8.68 -18.97
CA LYS C 110 11.65 -9.80 -19.76
C LYS C 110 12.59 -9.28 -20.85
N ALA C 111 12.27 -8.12 -21.41
CA ALA C 111 13.14 -7.57 -22.45
C ALA C 111 14.48 -7.14 -21.86
N ALA C 112 14.51 -6.79 -20.55
CA ALA C 112 15.74 -6.35 -19.90
C ALA C 112 16.60 -7.53 -19.42
N GLY C 113 16.03 -8.76 -19.45
CA GLY C 113 16.73 -9.98 -19.05
C GLY C 113 16.51 -10.35 -17.58
N MET C 114 15.57 -9.70 -16.90
CA MET C 114 15.45 -9.81 -15.44
C MET C 114 15.06 -11.22 -15.06
N GLU C 115 15.71 -11.74 -14.01
CA GLU C 115 15.29 -13.01 -13.42
C GLU C 115 14.14 -12.83 -12.42
N TYR C 116 14.11 -11.67 -11.76
CA TYR C 116 13.10 -11.43 -10.74
C TYR C 116 12.54 -10.03 -10.85
N ILE C 117 11.29 -9.92 -10.39
CA ILE C 117 10.63 -8.69 -10.03
C ILE C 117 10.23 -8.82 -8.56
N VAL C 118 10.47 -7.75 -7.77
CA VAL C 118 10.12 -7.73 -6.36
C VAL C 118 9.31 -6.46 -6.10
N THR C 119 8.16 -6.63 -5.47
CA THR C 119 7.43 -5.48 -4.95
C THR C 119 8.08 -5.05 -3.62
N PRO C 120 8.48 -3.77 -3.49
CA PRO C 120 9.22 -3.28 -2.33
C PRO C 120 8.39 -2.98 -1.09
N TYR C 121 7.08 -2.76 -1.25
CA TYR C 121 6.28 -2.28 -0.13
C TYR C 121 4.80 -2.47 -0.37
N LEU C 122 4.14 -2.97 0.66
CA LEU C 122 2.72 -2.93 0.84
C LEU C 122 2.47 -2.46 2.27
N PRO C 123 1.45 -1.62 2.54
CA PRO C 123 1.13 -1.22 3.91
C PRO C 123 0.52 -2.39 4.68
N VAL C 124 0.59 -2.30 6.01
CA VAL C 124 -0.18 -3.17 6.89
C VAL C 124 -1.67 -2.87 6.65
N PRO C 125 -2.51 -3.82 6.20
CA PRO C 125 -3.94 -3.54 6.07
C PRO C 125 -4.61 -3.67 7.43
N LYS C 126 -5.83 -3.14 7.53
CA LYS C 126 -6.55 -3.08 8.79
C LYS C 126 -7.17 -4.43 9.08
N THR C 127 -7.54 -5.16 8.03
CA THR C 127 -8.20 -6.43 8.22
C THR C 127 -7.49 -7.56 7.51
N LEU C 128 -7.70 -8.75 8.05
CA LEU C 128 -7.35 -9.98 7.38
C LEU C 128 -8.02 -10.10 6.02
N LYS C 129 -9.29 -9.69 5.93
CA LYS C 129 -9.96 -9.76 4.64
C LYS C 129 -9.16 -8.96 3.60
N GLU C 130 -8.73 -7.75 3.93
CA GLU C 130 -7.88 -6.96 3.02
C GLU C 130 -6.52 -7.64 2.83
N MET C 131 -5.96 -8.25 3.86
CA MET C 131 -4.70 -8.94 3.65
C MET C 131 -4.88 -10.08 2.66
N GLN C 132 -6.03 -10.76 2.70
CA GLN C 132 -6.28 -11.83 1.75
C GLN C 132 -6.42 -11.29 0.33
N THR C 133 -7.07 -10.13 0.17
CA THR C 133 -7.12 -9.45 -1.12
C THR C 133 -5.70 -9.21 -1.62
N TYR C 134 -4.79 -8.73 -0.73
CA TYR C 134 -3.41 -8.52 -1.16
C TYR C 134 -2.81 -9.83 -1.66
N CYS C 135 -3.10 -10.92 -0.97
CA CYS C 135 -2.52 -12.20 -1.32
C CYS C 135 -3.04 -12.70 -2.68
N ASP C 136 -4.33 -12.49 -2.92
CA ASP C 136 -4.94 -12.83 -4.21
C ASP C 136 -4.25 -12.06 -5.32
N TYR C 137 -3.94 -10.78 -5.02
CA TYR C 137 -3.28 -9.88 -5.94
C TYR C 137 -1.84 -10.33 -6.21
N LEU C 138 -1.12 -10.74 -5.15
CA LEU C 138 0.26 -11.20 -5.23
C LEU C 138 0.37 -12.51 -6.01
N ASN C 139 -0.55 -13.43 -5.71
CA ASN C 139 -0.64 -14.66 -6.49
C ASN C 139 -0.87 -14.37 -7.98
N ALA C 140 -1.79 -13.46 -8.30
CA ALA C 140 -2.13 -13.15 -9.68
C ALA C 140 -0.90 -12.62 -10.43
N ILE C 141 -0.20 -11.65 -9.80
CA ILE C 141 1.00 -11.06 -10.36
C ILE C 141 2.05 -12.14 -10.55
N GLY C 142 2.26 -12.96 -9.51
CA GLY C 142 3.31 -13.97 -9.58
C GLY C 142 3.05 -14.98 -10.68
N LYS C 143 1.78 -15.33 -10.86
CA LYS C 143 1.41 -16.29 -11.89
C LYS C 143 1.77 -15.69 -13.25
N LYS C 144 1.42 -14.43 -13.48
CA LYS C 144 1.78 -13.75 -14.72
C LYS C 144 3.29 -13.70 -14.91
N CYS C 145 4.05 -13.47 -13.83
CA CYS C 145 5.50 -13.48 -13.94
C CYS C 145 6.00 -14.86 -14.30
N ARG C 146 5.48 -15.88 -13.61
CA ARG C 146 5.92 -17.25 -13.79
C ARG C 146 5.65 -17.68 -15.23
N GLU C 147 4.54 -17.22 -15.82
CA GLU C 147 4.20 -17.51 -17.20
C GLU C 147 5.23 -16.88 -18.15
N ALA C 148 5.83 -15.74 -17.73
CA ALA C 148 6.85 -15.06 -18.52
C ALA C 148 8.27 -15.52 -18.17
N GLY C 149 8.43 -16.53 -17.31
CA GLY C 149 9.75 -17.03 -16.96
C GLY C 149 10.47 -16.18 -15.89
N ILE C 150 9.72 -15.34 -15.14
CA ILE C 150 10.27 -14.46 -14.11
C ILE C 150 9.72 -14.86 -12.73
N LYS C 151 10.56 -14.88 -11.71
CA LYS C 151 10.11 -15.12 -10.34
C LYS C 151 9.68 -13.81 -9.69
N TYR C 152 8.49 -13.80 -9.08
CA TYR C 152 7.93 -12.62 -8.45
C TYR C 152 8.14 -12.75 -6.93
N GLY C 153 8.57 -11.65 -6.30
CA GLY C 153 8.92 -11.66 -4.89
C GLY C 153 8.40 -10.41 -4.18
N TYR C 154 8.40 -10.48 -2.84
CA TYR C 154 7.98 -9.39 -1.98
C TYR C 154 9.12 -9.04 -1.04
N HIS C 155 9.42 -7.74 -0.90
CA HIS C 155 10.48 -7.23 -0.04
C HIS C 155 9.85 -6.57 1.17
N ASN C 156 10.32 -6.96 2.35
CA ASN C 156 9.77 -6.47 3.60
C ASN C 156 10.57 -5.30 4.20
N HIS C 157 9.90 -4.47 5.00
CA HIS C 157 10.54 -3.60 6.00
C HIS C 157 10.22 -4.19 7.38
N ALA C 158 10.15 -3.36 8.42
CA ALA C 158 9.83 -3.82 9.76
C ALA C 158 8.33 -4.06 9.94
N HIS C 159 7.47 -3.31 9.22
CA HIS C 159 6.03 -3.24 9.52
C HIS C 159 5.31 -4.58 9.30
N GLU C 160 5.83 -5.41 8.38
CA GLU C 160 5.20 -6.68 8.06
C GLU C 160 5.23 -7.65 9.26
N PHE C 161 6.07 -7.35 10.27
CA PHE C 161 6.12 -8.14 11.50
C PHE C 161 5.00 -7.74 12.46
N GLN C 162 4.23 -6.69 12.15
CA GLN C 162 3.08 -6.34 12.99
C GLN C 162 1.95 -7.35 12.75
N LYS C 163 1.10 -7.55 13.77
CA LYS C 163 -0.11 -8.35 13.64
C LYS C 163 -1.24 -7.54 12.98
N ILE C 164 -2.11 -8.24 12.26
CA ILE C 164 -3.33 -7.65 11.70
C ILE C 164 -4.51 -8.14 12.54
N GLU C 165 -5.34 -7.21 13.01
CA GLU C 165 -6.49 -7.53 13.86
C GLU C 165 -6.04 -8.25 15.11
N ASP C 166 -4.85 -7.92 15.59
CA ASP C 166 -4.22 -8.57 16.74
C ASP C 166 -4.23 -10.08 16.53
N LYS C 167 -4.13 -10.50 15.26
CA LYS C 167 -4.18 -11.91 14.90
C LYS C 167 -2.88 -12.23 14.16
N ALA C 168 -2.98 -12.53 12.86
CA ALA C 168 -1.85 -13.03 12.10
C ALA C 168 -0.81 -11.92 11.90
N VAL C 169 0.46 -12.29 12.04
CA VAL C 169 1.54 -11.42 11.62
C VAL C 169 1.43 -11.27 10.10
N MET C 170 1.59 -10.05 9.57
CA MET C 170 1.36 -9.79 8.16
C MET C 170 2.23 -10.69 7.28
N LEU C 171 3.54 -10.76 7.58
CA LEU C 171 4.43 -11.46 6.69
C LEU C 171 4.04 -12.94 6.68
N ASP C 172 3.73 -13.49 7.87
CA ASP C 172 3.37 -14.90 8.00
C ASP C 172 2.13 -15.21 7.16
N TYR C 173 1.14 -14.32 7.24
CA TYR C 173 -0.08 -14.49 6.46
C TYR C 173 0.26 -14.51 4.98
N MET C 174 1.11 -13.58 4.55
CA MET C 174 1.42 -13.44 3.13
C MET C 174 2.07 -14.73 2.64
N ILE C 175 3.06 -15.22 3.40
CA ILE C 175 3.80 -16.43 3.03
C ILE C 175 2.84 -17.62 2.99
N GLU C 176 2.00 -17.73 4.01
CA GLU C 176 1.11 -18.88 4.15
C GLU C 176 0.02 -18.86 3.08
N ASN C 177 -0.39 -17.67 2.62
CA ASN C 177 -1.52 -17.55 1.71
C ASN C 177 -1.08 -17.19 0.28
N THR C 178 0.19 -17.42 -0.06
CA THR C 178 0.69 -17.25 -1.43
C THR C 178 1.33 -18.56 -1.85
N ASP C 179 1.11 -18.95 -3.11
CA ASP C 179 1.79 -20.11 -3.67
C ASP C 179 3.28 -19.81 -3.81
N PRO C 180 4.18 -20.74 -3.40
CA PRO C 180 5.62 -20.51 -3.47
C PRO C 180 6.16 -20.24 -4.87
N GLU C 181 5.57 -20.88 -5.88
CA GLU C 181 5.89 -20.61 -7.28
C GLU C 181 5.46 -19.20 -7.68
N ASN C 182 4.35 -18.68 -7.13
CA ASN C 182 3.92 -17.31 -7.43
C ASN C 182 4.75 -16.28 -6.68
N LEU C 183 5.15 -16.56 -5.44
CA LEU C 183 5.75 -15.51 -4.62
C LEU C 183 6.83 -16.09 -3.73
N PHE C 184 7.99 -15.42 -3.74
CA PHE C 184 9.06 -15.70 -2.78
C PHE C 184 9.28 -14.41 -1.97
N ILE C 185 10.01 -14.52 -0.86
CA ILE C 185 10.25 -13.34 -0.04
C ILE C 185 11.71 -12.90 -0.22
N GLU C 186 11.92 -11.64 -0.57
CA GLU C 186 13.25 -11.08 -0.56
C GLU C 186 13.43 -10.54 0.84
N LEU C 187 14.02 -11.33 1.71
CA LEU C 187 14.00 -10.97 3.13
C LEU C 187 15.06 -9.91 3.39
N ASP C 188 14.62 -8.75 3.85
CA ASP C 188 15.52 -7.77 4.40
C ASP C 188 15.81 -8.12 5.86
N VAL C 189 17.05 -8.53 6.13
CA VAL C 189 17.38 -9.11 7.41
C VAL C 189 17.50 -8.01 8.45
N TYR C 190 17.86 -6.79 8.03
CA TYR C 190 17.98 -5.70 8.98
C TYR C 190 16.58 -5.32 9.47
N TRP C 191 15.66 -5.13 8.53
CA TRP C 191 14.33 -4.72 8.94
C TRP C 191 13.64 -5.84 9.71
N ALA C 192 13.97 -7.12 9.41
CA ALA C 192 13.43 -8.20 10.23
C ALA C 192 13.86 -8.04 11.69
N VAL C 193 15.16 -7.81 11.93
CA VAL C 193 15.68 -7.62 13.27
C VAL C 193 15.02 -6.41 13.95
N MET C 194 14.81 -5.33 13.20
CA MET C 194 14.13 -4.14 13.71
C MET C 194 12.69 -4.45 14.04
N GLY C 195 12.12 -5.50 13.44
CA GLY C 195 10.77 -5.97 13.80
C GLY C 195 10.79 -7.09 14.84
N LYS C 196 11.95 -7.36 15.44
CA LYS C 196 12.11 -8.31 16.54
C LYS C 196 12.01 -9.75 16.08
N ALA C 197 12.30 -9.95 14.79
CA ALA C 197 12.17 -11.25 14.16
C ALA C 197 13.56 -11.84 13.97
N SER C 198 13.65 -13.16 14.18
CA SER C 198 14.86 -13.90 13.95
C SER C 198 14.90 -14.33 12.49
N PRO C 199 15.86 -13.86 11.66
CA PRO C 199 15.94 -14.35 10.29
C PRO C 199 16.01 -15.88 10.21
N VAL C 200 16.77 -16.48 11.13
CA VAL C 200 16.99 -17.91 11.08
C VAL C 200 15.71 -18.66 11.42
N ASP C 201 15.00 -18.21 12.45
CA ASP C 201 13.73 -18.82 12.80
C ASP C 201 12.79 -18.79 11.60
N TYR C 202 12.75 -17.65 10.88
CA TYR C 202 11.86 -17.52 9.72
C TYR C 202 12.26 -18.53 8.65
N PHE C 203 13.58 -18.66 8.42
CA PHE C 203 14.12 -19.61 7.46
C PHE C 203 13.63 -21.02 7.76
N HIS C 204 13.67 -21.40 9.04
CA HIS C 204 13.31 -22.75 9.45
C HIS C 204 11.79 -22.93 9.40
N LYS C 205 11.04 -21.86 9.58
CA LYS C 205 9.59 -21.95 9.61
C LYS C 205 9.05 -22.05 8.20
N TYR C 206 9.63 -21.30 7.26
CA TYR C 206 9.20 -21.30 5.88
C TYR C 206 10.36 -21.66 4.95
N PRO C 207 10.92 -22.88 5.01
CA PRO C 207 12.10 -23.21 4.22
C PRO C 207 11.81 -22.96 2.75
N GLY C 208 12.84 -22.51 2.01
CA GLY C 208 12.76 -22.41 0.56
C GLY C 208 12.08 -21.14 0.05
N ARG C 209 11.41 -20.36 0.90
CA ARG C 209 10.70 -19.17 0.43
C ARG C 209 11.59 -17.94 0.32
N PHE C 210 12.84 -17.96 0.83
CA PHE C 210 13.64 -16.76 0.90
C PHE C 210 14.69 -16.83 -0.20
N LYS C 211 14.24 -16.64 -1.45
CA LYS C 211 15.06 -16.91 -2.60
C LYS C 211 16.10 -15.82 -2.83
N MET C 212 15.85 -14.65 -2.24
CA MET C 212 16.82 -13.58 -2.20
C MET C 212 16.82 -13.00 -0.80
N LEU C 213 17.98 -12.48 -0.40
CA LEU C 213 18.10 -11.67 0.80
C LEU C 213 18.51 -10.26 0.40
N HIS C 214 17.94 -9.29 1.09
CA HIS C 214 18.58 -7.98 1.21
C HIS C 214 19.53 -8.02 2.38
N ILE C 215 20.82 -8.00 2.04
CA ILE C 215 21.90 -7.81 2.99
C ILE C 215 21.95 -6.32 3.29
N LYS C 216 21.34 -5.97 4.42
CA LYS C 216 21.23 -4.59 4.85
C LYS C 216 21.61 -4.53 6.33
N ASP C 217 22.09 -3.35 6.71
CA ASP C 217 22.43 -3.07 8.09
C ASP C 217 21.95 -1.66 8.38
N ARG C 218 22.35 -1.12 9.52
CA ARG C 218 21.95 0.25 9.84
C ARG C 218 22.62 1.20 8.84
N ARG C 219 23.92 1.05 8.68
CA ARG C 219 24.70 1.80 7.69
C ARG C 219 25.49 0.76 6.91
N GLU C 220 26.82 0.77 7.02
CA GLU C 220 27.63 -0.21 6.31
C GLU C 220 27.32 -1.63 6.81
N ILE C 221 27.36 -2.58 5.88
CA ILE C 221 27.06 -3.97 6.19
C ILE C 221 28.10 -4.50 7.17
N GLY C 222 27.64 -4.96 8.33
CA GLY C 222 28.50 -5.63 9.30
C GLY C 222 29.11 -4.68 10.33
N GLN C 223 28.68 -3.41 10.34
CA GLN C 223 29.27 -2.37 11.17
C GLN C 223 28.53 -2.23 12.51
N SER C 224 27.21 -2.43 12.52
CA SER C 224 26.40 -1.92 13.63
C SER C 224 26.39 -2.84 14.85
N GLY C 225 26.52 -4.15 14.62
CA GLY C 225 26.37 -5.14 15.67
C GLY C 225 24.92 -5.59 15.81
N MET C 226 24.04 -5.15 14.91
CA MET C 226 22.61 -5.46 14.96
C MET C 226 22.19 -6.62 14.05
N VAL C 227 23.08 -7.17 13.22
CA VAL C 227 22.68 -8.24 12.32
C VAL C 227 23.72 -9.35 12.39
N GLY C 228 23.25 -10.57 12.67
CA GLY C 228 24.09 -11.74 12.74
C GLY C 228 24.21 -12.42 11.38
N PHE C 229 24.98 -11.79 10.49
CA PHE C 229 25.15 -12.27 9.12
C PHE C 229 25.72 -13.69 9.13
N ASP C 230 26.61 -14.00 10.09
CA ASP C 230 27.15 -15.34 10.21
C ASP C 230 26.02 -16.38 10.26
N ALA C 231 25.10 -16.22 11.21
CA ALA C 231 24.01 -17.17 11.40
C ALA C 231 23.09 -17.20 10.18
N ILE C 232 22.83 -16.04 9.59
CA ILE C 232 22.00 -15.93 8.42
C ILE C 232 22.56 -16.77 7.27
N PHE C 233 23.88 -16.61 6.99
CA PHE C 233 24.48 -17.28 5.85
C PHE C 233 24.62 -18.77 6.11
N GLU C 234 24.87 -19.11 7.37
CA GLU C 234 24.94 -20.49 7.79
C GLU C 234 23.61 -21.20 7.51
N ASN C 235 22.49 -20.47 7.44
CA ASN C 235 21.21 -21.13 7.21
C ASN C 235 20.66 -20.83 5.82
N ALA C 236 21.52 -20.43 4.89
CA ALA C 236 21.07 -19.91 3.61
C ALA C 236 20.41 -21.01 2.80
N LYS C 237 20.90 -22.25 2.96
CA LYS C 237 20.34 -23.38 2.24
C LYS C 237 18.91 -23.67 2.70
N THR C 238 18.65 -23.76 4.00
CA THR C 238 17.27 -23.89 4.47
C THR C 238 16.42 -22.76 3.87
N ALA C 239 16.95 -21.54 3.91
CA ALA C 239 16.21 -20.37 3.47
C ALA C 239 15.82 -20.49 2.01
N GLY C 240 16.70 -21.09 1.20
CA GLY C 240 16.46 -21.18 -0.23
C GLY C 240 17.18 -20.09 -1.05
N VAL C 241 18.20 -19.48 -0.44
CA VAL C 241 18.86 -18.31 -1.00
C VAL C 241 19.49 -18.65 -2.36
N GLU C 242 19.11 -17.88 -3.38
CA GLU C 242 19.70 -17.98 -4.72
C GLU C 242 20.63 -16.80 -5.01
N ASN C 243 20.33 -15.62 -4.46
CA ASN C 243 21.07 -14.39 -4.75
C ASN C 243 21.00 -13.48 -3.52
N ILE C 244 22.08 -12.75 -3.26
CA ILE C 244 22.14 -11.79 -2.17
C ILE C 244 22.34 -10.40 -2.74
N ILE C 245 21.56 -9.42 -2.26
CA ILE C 245 21.68 -8.06 -2.75
C ILE C 245 21.99 -7.15 -1.56
N VAL C 246 23.06 -6.37 -1.69
CA VAL C 246 23.42 -5.38 -0.70
C VAL C 246 22.53 -4.16 -0.86
N GLU C 247 22.09 -3.63 0.28
CA GLU C 247 21.28 -2.44 0.31
C GLU C 247 21.81 -1.56 1.43
N VAL C 248 22.00 -0.28 1.10
CA VAL C 248 22.54 0.68 2.04
C VAL C 248 21.77 1.98 1.81
N GLU C 249 21.10 2.45 2.85
CA GLU C 249 20.27 3.64 2.77
C GLU C 249 20.84 4.76 3.62
N GLN C 250 21.66 4.42 4.61
CA GLN C 250 22.29 5.40 5.49
C GLN C 250 23.78 5.11 5.53
N TYR C 251 24.60 6.14 5.73
CA TYR C 251 26.01 6.03 5.38
C TYR C 251 26.89 6.72 6.41
N SER C 252 28.00 6.08 6.77
CA SER C 252 28.92 6.69 7.70
C SER C 252 29.88 7.60 6.93
N TYR C 253 29.94 7.41 5.62
CA TYR C 253 30.91 8.06 4.76
C TYR C 253 30.20 8.56 3.53
N ASP C 254 30.98 8.99 2.54
CA ASP C 254 30.43 9.22 1.22
C ASP C 254 29.92 7.87 0.70
N VAL C 255 28.90 7.93 -0.13
CA VAL C 255 28.16 6.74 -0.50
C VAL C 255 29.10 5.71 -1.15
N GLU C 256 30.00 6.21 -2.00
CA GLU C 256 30.87 5.30 -2.73
C GLU C 256 31.66 4.42 -1.76
N LYS C 257 32.29 5.05 -0.77
CA LYS C 257 33.08 4.36 0.23
C LYS C 257 32.19 3.39 1.02
N SER C 258 30.99 3.88 1.40
CA SER C 258 30.10 3.07 2.21
C SER C 258 29.70 1.79 1.49
N VAL C 259 29.37 1.86 0.19
CA VAL C 259 28.86 0.67 -0.46
C VAL C 259 30.05 -0.23 -0.81
N LYS C 260 31.25 0.33 -0.90
CA LYS C 260 32.44 -0.49 -1.12
C LYS C 260 32.79 -1.24 0.17
N LEU C 261 32.73 -0.57 1.31
CA LEU C 261 33.02 -1.24 2.57
C LEU C 261 32.03 -2.38 2.78
N SER C 262 30.78 -2.16 2.36
CA SER C 262 29.71 -3.13 2.53
C SER C 262 30.05 -4.39 1.73
N LEU C 263 30.51 -4.20 0.49
CA LEU C 263 30.89 -5.32 -0.35
C LEU C 263 32.08 -6.05 0.26
N ASP C 264 33.09 -5.30 0.73
CA ASP C 264 34.32 -5.90 1.27
C ASP C 264 34.06 -6.81 2.47
N TYR C 265 33.15 -6.38 3.36
CA TYR C 265 32.71 -7.21 4.48
C TYR C 265 32.30 -8.60 3.99
N LEU C 266 31.44 -8.67 2.95
CA LEU C 266 30.96 -9.92 2.36
C LEU C 266 32.09 -10.67 1.66
N LEU C 267 32.91 -9.96 0.90
CA LEU C 267 34.05 -10.60 0.25
C LEU C 267 34.95 -11.27 1.29
N GLU C 268 35.15 -10.64 2.44
CA GLU C 268 36.08 -11.17 3.43
C GLU C 268 35.43 -12.18 4.36
N ALA C 269 34.09 -12.21 4.46
CA ALA C 269 33.45 -13.12 5.39
C ALA C 269 33.63 -14.53 4.86
N PRO C 270 34.22 -15.46 5.65
CA PRO C 270 34.32 -16.85 5.20
C PRO C 270 32.96 -17.53 5.02
N PHE C 271 31.94 -17.08 5.77
CA PHE C 271 30.62 -17.69 5.73
C PHE C 271 29.83 -17.28 4.48
N VAL C 272 30.34 -16.33 3.69
CA VAL C 272 29.69 -15.99 2.42
C VAL C 272 30.30 -16.79 1.28
N LYS C 273 29.48 -17.64 0.66
CA LYS C 273 29.92 -18.48 -0.44
C LYS C 273 30.07 -17.66 -1.71
N ALA C 274 30.81 -18.23 -2.67
CA ALA C 274 31.06 -17.59 -3.96
C ALA C 274 29.78 -17.43 -4.76
N SER C 275 28.86 -18.38 -4.63
CA SER C 275 27.64 -18.33 -5.40
C SER C 275 26.54 -19.06 -4.66
N TYR C 276 25.29 -18.54 -4.77
CA TYR C 276 24.13 -19.23 -4.20
C TYR C 276 23.23 -19.89 -5.26
N SER C 277 23.49 -19.77 -6.58
CA SER C 277 22.51 -20.28 -7.55
C SER C 277 23.08 -21.37 -8.46
N ALA D 7 42.17 -23.37 28.91
CA ALA D 7 41.04 -22.84 28.11
C ALA D 7 41.59 -21.92 27.03
N LYS D 8 41.02 -21.99 25.83
CA LYS D 8 41.51 -21.23 24.69
C LYS D 8 41.27 -19.74 24.92
N LYS D 9 40.08 -19.40 25.43
CA LYS D 9 39.64 -18.02 25.61
C LYS D 9 38.98 -17.88 26.98
N ASP D 10 39.05 -16.67 27.55
CA ASP D 10 38.45 -16.36 28.84
C ASP D 10 37.01 -15.88 28.61
N ILE D 11 36.04 -16.75 28.88
CA ILE D 11 34.64 -16.52 28.63
C ILE D 11 33.85 -16.85 29.90
N GLY D 12 33.04 -15.89 30.36
CA GLY D 12 32.24 -16.10 31.55
C GLY D 12 30.87 -16.66 31.23
N ILE D 13 30.21 -17.20 32.26
CA ILE D 13 28.86 -17.70 32.16
C ILE D 13 28.02 -16.99 33.22
N GLN D 14 26.88 -16.42 32.82
CA GLN D 14 25.89 -15.94 33.77
C GLN D 14 25.18 -17.14 34.36
N LEU D 15 25.15 -17.26 35.70
CA LEU D 15 24.58 -18.40 36.39
C LEU D 15 23.04 -18.43 36.22
N TYR D 16 22.45 -17.30 35.86
CA TYR D 16 21.02 -17.22 35.59
C TYR D 16 20.67 -18.19 34.45
N SER D 17 21.64 -18.47 33.57
CA SER D 17 21.48 -19.36 32.44
C SER D 17 21.17 -20.78 32.90
N VAL D 18 21.69 -21.18 34.08
CA VAL D 18 21.46 -22.52 34.63
C VAL D 18 20.47 -22.43 35.80
N ARG D 19 19.63 -21.39 35.83
CA ARG D 19 18.73 -21.15 36.96
C ARG D 19 17.74 -22.30 37.19
N ASP D 20 17.34 -23.00 36.11
CA ASP D 20 16.50 -24.17 36.24
C ASP D 20 17.20 -25.22 37.11
N LEU D 21 18.50 -25.41 36.91
CA LEU D 21 19.28 -26.37 37.67
C LEU D 21 19.57 -25.88 39.09
N ILE D 22 19.91 -24.58 39.29
CA ILE D 22 20.47 -24.15 40.58
C ILE D 22 19.65 -23.04 41.22
N GLY D 23 18.65 -22.50 40.53
CA GLY D 23 17.84 -21.42 41.07
C GLY D 23 18.46 -20.06 40.79
N SER D 24 17.76 -19.00 41.19
CA SER D 24 18.24 -17.64 41.02
C SER D 24 17.51 -16.71 41.99
N PHE D 25 18.16 -15.58 42.32
CA PHE D 25 17.56 -14.50 43.10
C PHE D 25 16.85 -15.06 44.33
N GLY D 26 17.50 -15.98 45.05
CA GLY D 26 16.96 -16.55 46.27
C GLY D 26 15.85 -17.59 46.08
N ARG D 27 15.77 -18.27 44.91
CA ARG D 27 14.75 -19.29 44.64
C ARG D 27 15.36 -20.59 44.11
N ASN D 28 14.62 -21.71 44.27
CA ASN D 28 14.86 -23.03 43.68
C ASN D 28 15.94 -23.82 44.44
N GLN D 29 17.16 -23.27 44.51
CA GLN D 29 18.21 -23.68 45.43
C GLN D 29 18.63 -25.16 45.36
N HIS D 30 18.72 -25.80 44.17
CA HIS D 30 19.41 -27.10 44.10
C HIS D 30 20.92 -26.84 44.21
N ASP D 31 21.73 -27.80 44.69
CA ASP D 31 23.17 -27.60 44.91
C ASP D 31 23.86 -27.27 43.59
N TYR D 32 24.66 -26.19 43.58
CA TYR D 32 25.23 -25.64 42.35
C TYR D 32 26.58 -26.26 41.99
N LYS D 33 27.16 -27.05 42.90
CA LYS D 33 28.52 -27.55 42.72
C LYS D 33 28.65 -28.43 41.48
N PRO D 34 27.78 -29.44 41.22
CA PRO D 34 27.91 -30.24 40.00
C PRO D 34 27.76 -29.40 38.73
N VAL D 35 26.85 -28.43 38.75
CA VAL D 35 26.64 -27.56 37.59
C VAL D 35 27.88 -26.69 37.38
N LEU D 36 28.44 -26.12 38.46
CA LEU D 36 29.68 -25.38 38.35
C LEU D 36 30.75 -26.22 37.66
N LYS D 37 30.85 -27.49 38.08
CA LYS D 37 31.82 -28.42 37.51
C LYS D 37 31.60 -28.62 36.01
N ALA D 38 30.34 -28.82 35.63
CA ALA D 38 30.02 -29.06 34.22
C ALA D 38 30.33 -27.82 33.37
N LEU D 39 30.03 -26.64 33.91
CA LEU D 39 30.33 -25.39 33.20
C LEU D 39 31.84 -25.21 33.03
N ALA D 40 32.59 -25.53 34.10
CA ALA D 40 34.05 -25.50 34.02
C ALA D 40 34.55 -26.50 32.99
N ASP D 41 33.95 -27.70 32.99
CA ASP D 41 34.35 -28.75 32.06
C ASP D 41 34.07 -28.30 30.62
N MET D 42 33.00 -27.55 30.42
CA MET D 42 32.70 -27.01 29.10
C MET D 42 33.81 -26.08 28.63
N GLY D 43 34.49 -25.40 29.57
CA GLY D 43 35.53 -24.45 29.25
C GLY D 43 35.20 -23.00 29.67
N TYR D 44 34.08 -22.78 30.38
CA TYR D 44 33.84 -21.45 30.92
C TYR D 44 34.91 -21.14 31.96
N THR D 45 35.43 -19.90 31.98
CA THR D 45 36.58 -19.55 32.82
C THR D 45 36.13 -18.67 33.99
N SER D 46 34.91 -18.09 33.93
CA SER D 46 34.45 -17.21 35.00
C SER D 46 32.93 -17.31 35.16
N ILE D 47 32.41 -16.84 36.29
CA ILE D 47 30.99 -16.88 36.60
C ILE D 47 30.52 -15.48 36.95
N GLU D 48 29.29 -15.15 36.57
CA GLU D 48 28.57 -14.02 37.13
C GLU D 48 27.37 -14.59 37.87
N ALA D 49 27.27 -14.27 39.16
CA ALA D 49 26.25 -14.79 40.03
C ALA D 49 24.92 -14.09 39.76
N ALA D 50 23.82 -14.81 40.06
CA ALA D 50 22.48 -14.24 39.97
C ALA D 50 21.63 -14.72 41.15
N SER D 51 22.21 -14.64 42.35
CA SER D 51 21.49 -15.01 43.56
C SER D 51 22.23 -14.52 44.81
N TYR D 52 22.10 -13.22 45.08
CA TYR D 52 22.70 -12.67 46.28
C TYR D 52 21.58 -12.31 47.24
N ASN D 53 21.74 -12.62 48.54
CA ASN D 53 20.75 -12.24 49.53
C ASN D 53 21.36 -12.25 50.93
N ASP D 54 21.21 -11.17 51.70
CA ASP D 54 21.57 -11.13 53.11
C ASP D 54 22.95 -11.72 53.37
N GLY D 55 23.98 -11.18 52.72
CA GLY D 55 25.36 -11.56 52.98
C GLY D 55 25.78 -12.86 52.29
N LYS D 56 24.89 -13.44 51.47
CA LYS D 56 25.06 -14.81 51.04
C LYS D 56 24.81 -14.97 49.55
N PHE D 57 25.43 -16.02 49.00
CA PHE D 57 25.35 -16.40 47.59
C PHE D 57 24.78 -17.81 47.47
N TYR D 58 23.62 -17.92 46.81
CA TYR D 58 22.92 -19.20 46.68
C TYR D 58 22.78 -19.84 48.05
N GLY D 59 22.56 -19.01 49.09
CA GLY D 59 22.37 -19.47 50.45
C GLY D 59 23.68 -19.74 51.20
N ASN D 60 24.86 -19.63 50.54
CA ASN D 60 26.10 -19.93 51.21
C ASN D 60 26.86 -18.65 51.55
N THR D 61 27.81 -18.79 52.50
CA THR D 61 28.68 -17.70 52.91
C THR D 61 29.53 -17.33 51.71
N PRO D 62 29.98 -16.05 51.63
CA PRO D 62 30.92 -15.65 50.58
C PRO D 62 32.12 -16.60 50.56
N GLU D 63 32.57 -17.00 51.75
CA GLU D 63 33.72 -17.86 51.94
C GLU D 63 33.49 -19.19 51.24
N GLU D 64 32.32 -19.80 51.46
CA GLU D 64 32.02 -21.12 50.90
C GLU D 64 31.81 -21.03 49.38
N PHE D 65 31.14 -19.98 48.93
CA PHE D 65 30.89 -19.80 47.52
C PHE D 65 32.20 -19.62 46.76
N ARG D 66 33.07 -18.75 47.31
CA ARG D 66 34.39 -18.54 46.75
C ARG D 66 35.14 -19.87 46.69
N ARG D 67 35.18 -20.62 47.79
CA ARG D 67 35.82 -21.91 47.79
C ARG D 67 35.24 -22.81 46.68
N ASP D 68 33.91 -22.87 46.60
CA ASP D 68 33.26 -23.78 45.67
C ASP D 68 33.56 -23.42 44.21
N VAL D 69 33.59 -22.11 43.93
CA VAL D 69 33.82 -21.66 42.57
C VAL D 69 35.29 -21.88 42.23
N GLU D 70 36.19 -21.55 43.15
CA GLU D 70 37.62 -21.77 42.94
C GLU D 70 37.92 -23.25 42.72
N ALA D 71 37.21 -24.13 43.43
CA ALA D 71 37.50 -25.55 43.38
C ALA D 71 37.34 -26.09 41.94
N VAL D 72 36.53 -25.42 41.08
CA VAL D 72 36.35 -25.92 39.72
C VAL D 72 37.22 -25.12 38.75
N GLY D 73 38.00 -24.17 39.27
CA GLY D 73 38.98 -23.44 38.49
C GLY D 73 38.33 -22.33 37.67
N MET D 74 37.23 -21.75 38.17
CA MET D 74 36.62 -20.61 37.49
C MET D 74 36.85 -19.38 38.36
N LYS D 75 36.90 -18.20 37.73
CA LYS D 75 37.02 -16.97 38.48
C LYS D 75 35.68 -16.57 39.08
N VAL D 76 35.71 -16.14 40.34
CA VAL D 76 34.61 -15.48 41.00
C VAL D 76 34.59 -14.03 40.53
N LEU D 77 33.97 -13.77 39.36
CA LEU D 77 34.21 -12.50 38.67
C LEU D 77 33.17 -11.45 39.05
N SER D 78 31.87 -11.78 38.92
CA SER D 78 30.83 -10.78 38.98
C SER D 78 29.54 -11.33 39.59
N SER D 79 28.59 -10.42 39.79
CA SER D 79 27.37 -10.78 40.51
C SER D 79 26.29 -9.79 40.15
N HIS D 80 25.06 -10.29 39.92
CA HIS D 80 23.88 -9.48 39.76
C HIS D 80 23.16 -9.32 41.09
N CYS D 81 23.01 -8.07 41.54
CA CYS D 81 22.17 -7.82 42.69
C CYS D 81 21.85 -6.34 42.72
N GLY D 82 20.85 -5.99 43.52
CA GLY D 82 20.56 -4.58 43.68
C GLY D 82 19.42 -4.33 44.64
N LYS D 83 19.12 -3.06 44.79
CA LYS D 83 18.19 -2.60 45.80
C LYS D 83 17.62 -1.31 45.27
N GLY D 84 16.35 -1.35 44.85
CA GLY D 84 15.67 -0.18 44.32
C GLY D 84 15.40 0.84 45.43
N LEU D 85 15.18 2.10 45.04
CA LEU D 85 14.72 3.15 45.93
C LEU D 85 13.20 3.07 46.10
N SER D 86 12.74 3.26 47.34
CA SER D 86 11.31 3.39 47.63
C SER D 86 10.78 4.70 47.05
N ASP D 87 9.43 4.78 46.94
CA ASP D 87 8.78 6.00 46.52
C ASP D 87 9.23 7.14 47.44
N GLU D 88 9.43 6.81 48.72
CA GLU D 88 9.82 7.79 49.73
C GLU D 88 11.20 8.34 49.41
N GLU D 89 12.17 7.44 49.23
CA GLU D 89 13.54 7.83 48.98
C GLU D 89 13.61 8.71 47.74
N LEU D 90 12.81 8.37 46.73
CA LEU D 90 12.77 9.11 45.48
C LEU D 90 12.13 10.48 45.69
N ALA D 91 11.02 10.53 46.42
CA ALA D 91 10.31 11.77 46.66
C ALA D 91 11.20 12.74 47.43
N SER D 92 11.70 12.28 48.57
CA SER D 92 12.49 13.09 49.49
C SER D 92 13.86 13.37 48.90
N GLY D 93 14.40 12.39 48.16
CA GLY D 93 15.71 12.49 47.55
C GLY D 93 16.82 12.09 48.52
N ASP D 94 16.48 11.24 49.51
CA ASP D 94 17.41 10.79 50.54
C ASP D 94 17.37 9.26 50.58
N PHE D 95 18.49 8.63 50.19
CA PHE D 95 18.58 7.19 50.07
C PHE D 95 19.56 6.65 51.10
N SER D 96 19.79 7.44 52.16
CA SER D 96 20.62 7.05 53.29
C SER D 96 20.25 5.65 53.77
N GLU D 97 18.94 5.37 53.86
CA GLU D 97 18.46 4.11 54.41
C GLU D 97 18.96 2.91 53.60
N SER D 98 19.09 3.06 52.27
CA SER D 98 19.47 1.95 51.41
C SER D 98 20.96 1.64 51.54
N MET D 99 21.79 2.62 51.94
CA MET D 99 23.24 2.47 51.87
C MET D 99 23.73 1.38 52.82
N LYS D 100 23.04 1.17 53.95
CA LYS D 100 23.41 0.12 54.90
C LYS D 100 23.34 -1.24 54.24
N TRP D 101 22.30 -1.48 53.43
CA TRP D 101 22.19 -2.72 52.68
C TRP D 101 23.44 -2.88 51.79
N TRP D 102 23.88 -1.78 51.18
CA TRP D 102 25.04 -1.82 50.31
C TRP D 102 26.34 -2.10 51.08
N ASP D 103 26.46 -1.68 52.36
CA ASP D 103 27.64 -2.02 53.15
C ASP D 103 27.75 -3.54 53.27
N GLN D 104 26.64 -4.20 53.60
CA GLN D 104 26.63 -5.64 53.72
C GLN D 104 26.95 -6.32 52.38
N CYS D 105 26.32 -5.80 51.31
CA CYS D 105 26.44 -6.38 49.99
C CYS D 105 27.89 -6.31 49.53
N ILE D 106 28.50 -5.13 49.70
CA ILE D 106 29.86 -4.92 49.21
C ILE D 106 30.84 -5.74 50.06
N ALA D 107 30.66 -5.77 51.39
CA ALA D 107 31.49 -6.62 52.24
C ALA D 107 31.40 -8.09 51.79
N ALA D 108 30.18 -8.58 51.51
CA ALA D 108 30.00 -9.98 51.10
C ALA D 108 30.72 -10.28 49.77
N HIS D 109 30.57 -9.38 48.79
CA HIS D 109 31.20 -9.58 47.48
C HIS D 109 32.72 -9.56 47.62
N LYS D 110 33.24 -8.64 48.46
CA LYS D 110 34.66 -8.54 48.71
C LYS D 110 35.18 -9.84 49.32
N ALA D 111 34.44 -10.39 50.29
CA ALA D 111 34.83 -11.67 50.88
C ALA D 111 34.81 -12.81 49.86
N ALA D 112 33.95 -12.70 48.84
CA ALA D 112 33.88 -13.70 47.79
C ALA D 112 34.94 -13.47 46.70
N GLY D 113 35.61 -12.31 46.68
CA GLY D 113 36.68 -12.05 45.72
C GLY D 113 36.18 -11.41 44.43
N MET D 114 34.92 -10.96 44.44
CA MET D 114 34.30 -10.42 43.26
C MET D 114 35.09 -9.23 42.73
N GLU D 115 35.23 -9.16 41.41
CA GLU D 115 35.78 -7.99 40.75
C GLU D 115 34.70 -6.94 40.53
N TYR D 116 33.46 -7.39 40.25
CA TYR D 116 32.41 -6.46 39.90
C TYR D 116 31.11 -6.82 40.62
N ILE D 117 30.26 -5.80 40.76
CA ILE D 117 28.86 -5.94 41.14
C ILE D 117 28.04 -5.17 40.11
N VAL D 118 26.95 -5.76 39.62
CA VAL D 118 26.12 -5.15 38.59
C VAL D 118 24.67 -5.21 39.01
N THR D 119 23.99 -4.05 38.97
CA THR D 119 22.56 -4.03 39.16
C THR D 119 21.90 -4.49 37.86
N PRO D 120 21.05 -5.54 37.90
CA PRO D 120 20.54 -6.15 36.66
C PRO D 120 19.38 -5.41 36.02
N TYR D 121 18.73 -4.53 36.81
CA TYR D 121 17.47 -3.93 36.40
C TYR D 121 17.09 -2.73 37.25
N LEU D 122 16.74 -1.65 36.56
CA LEU D 122 15.99 -0.55 37.16
C LEU D 122 14.86 -0.23 36.20
N PRO D 123 13.67 0.15 36.71
CA PRO D 123 12.55 0.51 35.84
C PRO D 123 12.77 1.91 35.25
N VAL D 124 12.09 2.22 34.14
CA VAL D 124 12.11 3.57 33.61
C VAL D 124 11.48 4.50 34.63
N PRO D 125 12.20 5.52 35.16
CA PRO D 125 11.58 6.55 36.00
C PRO D 125 10.64 7.46 35.19
N LYS D 126 9.71 8.08 35.92
CA LYS D 126 8.67 8.91 35.33
C LYS D 126 9.25 10.26 34.94
N THR D 127 10.27 10.73 35.67
CA THR D 127 10.79 12.07 35.52
C THR D 127 12.32 12.03 35.47
N LEU D 128 12.89 13.07 34.86
CA LEU D 128 14.32 13.30 34.87
C LEU D 128 14.81 13.51 36.29
N LYS D 129 14.00 14.20 37.10
CA LYS D 129 14.34 14.43 38.50
C LYS D 129 14.55 13.09 39.20
N GLU D 130 13.64 12.13 39.01
CA GLU D 130 13.80 10.80 39.58
C GLU D 130 15.05 10.11 39.03
N MET D 131 15.30 10.25 37.72
CA MET D 131 16.45 9.63 37.08
C MET D 131 17.71 10.19 37.70
N GLN D 132 17.73 11.50 37.96
CA GLN D 132 18.91 12.13 38.52
C GLN D 132 19.13 11.56 39.92
N THR D 133 18.04 11.36 40.67
CA THR D 133 18.13 10.77 42.00
C THR D 133 18.77 9.39 41.89
N TYR D 134 18.34 8.61 40.89
CA TYR D 134 18.93 7.29 40.67
C TYR D 134 20.41 7.41 40.32
N CYS D 135 20.81 8.43 39.56
CA CYS D 135 22.21 8.65 39.25
C CYS D 135 23.02 8.99 40.51
N ASP D 136 22.42 9.81 41.38
CA ASP D 136 23.06 10.16 42.63
C ASP D 136 23.30 8.88 43.42
N TYR D 137 22.28 8.00 43.49
CA TYR D 137 22.36 6.74 44.19
C TYR D 137 23.41 5.84 43.53
N LEU D 138 23.34 5.74 42.19
CA LEU D 138 24.29 4.92 41.47
C LEU D 138 25.72 5.37 41.76
N ASN D 139 25.95 6.70 41.74
CA ASN D 139 27.26 7.26 42.04
C ASN D 139 27.72 6.84 43.44
N ALA D 140 26.83 6.99 44.43
CA ALA D 140 27.10 6.65 45.83
C ALA D 140 27.47 5.17 46.01
N ILE D 141 26.72 4.28 45.35
CA ILE D 141 26.98 2.85 45.43
C ILE D 141 28.35 2.59 44.83
N GLY D 142 28.56 3.12 43.62
CA GLY D 142 29.79 2.82 42.90
C GLY D 142 31.01 3.33 43.66
N LYS D 143 30.86 4.42 44.40
CA LYS D 143 31.98 5.02 45.09
C LYS D 143 32.36 4.10 46.24
N LYS D 144 31.35 3.65 46.97
CA LYS D 144 31.52 2.64 47.99
C LYS D 144 32.12 1.36 47.41
N CYS D 145 31.68 0.95 46.22
CA CYS D 145 32.27 -0.22 45.63
C CYS D 145 33.75 0.08 45.40
N ARG D 146 34.05 1.24 44.79
CA ARG D 146 35.41 1.56 44.38
C ARG D 146 36.30 1.53 45.63
N GLU D 147 35.78 2.05 46.73
CA GLU D 147 36.57 2.11 47.95
C GLU D 147 36.87 0.69 48.47
N ALA D 148 36.04 -0.29 48.14
CA ALA D 148 36.30 -1.69 48.47
C ALA D 148 37.08 -2.44 47.37
N GLY D 149 37.49 -1.75 46.30
CA GLY D 149 38.25 -2.39 45.23
C GLY D 149 37.35 -3.16 44.24
N ILE D 150 36.07 -2.79 44.19
CA ILE D 150 35.08 -3.39 43.31
C ILE D 150 34.56 -2.35 42.31
N LYS D 151 34.32 -2.82 41.10
CA LYS D 151 33.72 -2.02 40.05
C LYS D 151 32.22 -2.28 40.01
N TYR D 152 31.46 -1.19 40.15
CA TYR D 152 30.02 -1.27 40.14
C TYR D 152 29.51 -0.96 38.75
N GLY D 153 28.52 -1.74 38.30
CA GLY D 153 27.98 -1.56 36.96
C GLY D 153 26.47 -1.73 36.94
N TYR D 154 25.92 -1.44 35.76
CA TYR D 154 24.51 -1.54 35.47
C TYR D 154 24.30 -2.36 34.19
N HIS D 155 23.31 -3.25 34.23
CA HIS D 155 22.97 -4.09 33.08
C HIS D 155 21.61 -3.69 32.51
N ASN D 156 21.56 -3.44 31.20
CA ASN D 156 20.33 -3.01 30.55
C ASN D 156 19.49 -4.21 30.10
N HIS D 157 18.19 -3.94 29.95
CA HIS D 157 17.35 -4.72 29.03
C HIS D 157 17.08 -3.80 27.84
N ALA D 158 15.85 -3.82 27.29
CA ALA D 158 15.51 -2.97 26.17
C ALA D 158 14.90 -1.64 26.61
N HIS D 159 14.26 -1.61 27.78
CA HIS D 159 13.47 -0.44 28.18
C HIS D 159 14.33 0.82 28.38
N GLU D 160 15.64 0.66 28.64
CA GLU D 160 16.44 1.85 28.95
C GLU D 160 16.76 2.61 27.67
N PHE D 161 16.31 2.13 26.51
CA PHE D 161 16.47 2.93 25.30
C PHE D 161 15.24 3.81 25.07
N GLN D 162 14.24 3.71 25.95
CA GLN D 162 13.15 4.68 25.93
C GLN D 162 13.62 6.04 26.44
N LYS D 163 12.86 7.09 26.06
CA LYS D 163 13.10 8.44 26.53
C LYS D 163 12.34 8.69 27.81
N ILE D 164 12.94 9.48 28.71
CA ILE D 164 12.31 9.97 29.93
C ILE D 164 11.71 11.34 29.61
N GLU D 165 10.40 11.52 29.86
CA GLU D 165 9.77 12.81 29.60
C GLU D 165 10.13 13.32 28.19
N ASP D 166 10.28 12.42 27.21
CA ASP D 166 10.58 12.83 25.84
C ASP D 166 11.83 13.68 25.70
N LYS D 167 12.70 13.70 26.72
CA LYS D 167 13.96 14.44 26.66
C LYS D 167 15.12 13.46 26.48
N ALA D 168 15.48 12.70 27.51
CA ALA D 168 16.71 11.95 27.45
C ALA D 168 16.38 10.47 27.38
N VAL D 169 17.17 9.77 26.57
CA VAL D 169 17.17 8.33 26.60
C VAL D 169 17.72 7.91 27.96
N MET D 170 17.08 6.93 28.59
CA MET D 170 17.42 6.59 29.95
C MET D 170 18.89 6.16 30.06
N LEU D 171 19.35 5.29 29.15
CA LEU D 171 20.68 4.71 29.32
C LEU D 171 21.71 5.82 29.14
N ASP D 172 21.49 6.62 28.11
CA ASP D 172 22.30 7.80 27.84
C ASP D 172 22.43 8.69 29.07
N TYR D 173 21.29 9.04 29.70
CA TYR D 173 21.24 9.91 30.87
C TYR D 173 22.09 9.31 31.97
N MET D 174 21.85 8.02 32.24
CA MET D 174 22.59 7.27 33.24
C MET D 174 24.09 7.36 32.99
N ILE D 175 24.52 7.15 31.74
CA ILE D 175 25.94 7.17 31.46
C ILE D 175 26.49 8.60 31.65
N GLU D 176 25.77 9.60 31.13
CA GLU D 176 26.28 10.98 31.17
C GLU D 176 26.31 11.54 32.59
N ASN D 177 25.49 10.98 33.49
CA ASN D 177 25.35 11.54 34.82
C ASN D 177 25.85 10.59 35.91
N THR D 178 26.81 9.74 35.56
CA THR D 178 27.54 8.93 36.54
C THR D 178 29.03 9.10 36.29
N ASP D 179 29.83 9.12 37.35
CA ASP D 179 31.27 9.14 37.18
C ASP D 179 31.72 7.83 36.54
N PRO D 180 32.56 7.88 35.49
CA PRO D 180 33.12 6.67 34.88
C PRO D 180 33.70 5.70 35.91
N GLU D 181 34.28 6.25 36.98
CA GLU D 181 34.97 5.44 37.99
C GLU D 181 33.98 4.81 38.97
N ASN D 182 32.73 5.29 39.00
CA ASN D 182 31.72 4.77 39.89
C ASN D 182 30.77 3.80 39.17
N LEU D 183 30.58 3.97 37.86
CA LEU D 183 29.60 3.14 37.17
C LEU D 183 30.05 2.85 35.74
N PHE D 184 30.08 1.57 35.40
CA PHE D 184 30.22 1.13 34.01
C PHE D 184 28.92 0.44 33.63
N ILE D 185 28.79 0.19 32.32
CA ILE D 185 27.63 -0.47 31.79
C ILE D 185 28.05 -1.86 31.34
N GLU D 186 27.28 -2.84 31.83
CA GLU D 186 27.39 -4.19 31.33
C GLU D 186 26.36 -4.29 30.21
N LEU D 187 26.78 -4.01 28.99
CA LEU D 187 25.87 -3.85 27.87
C LEU D 187 25.34 -5.22 27.49
N ASP D 188 24.02 -5.35 27.52
CA ASP D 188 23.40 -6.55 27.00
C ASP D 188 23.09 -6.31 25.53
N VAL D 189 23.84 -6.98 24.66
CA VAL D 189 23.83 -6.64 23.25
C VAL D 189 22.53 -7.10 22.60
N TYR D 190 21.90 -8.16 23.10
CA TYR D 190 20.65 -8.63 22.53
C TYR D 190 19.56 -7.64 22.86
N TRP D 191 19.47 -7.25 24.14
CA TRP D 191 18.42 -6.32 24.53
C TRP D 191 18.65 -4.96 23.89
N ALA D 192 19.91 -4.59 23.57
CA ALA D 192 20.14 -3.30 22.93
C ALA D 192 19.52 -3.33 21.52
N VAL D 193 19.80 -4.41 20.80
CA VAL D 193 19.25 -4.64 19.47
C VAL D 193 17.73 -4.67 19.59
N MET D 194 17.18 -5.37 20.58
CA MET D 194 15.74 -5.40 20.74
C MET D 194 15.22 -3.98 21.01
N GLY D 195 16.07 -3.11 21.56
CA GLY D 195 15.67 -1.73 21.82
C GLY D 195 15.97 -0.83 20.62
N LYS D 196 16.32 -1.43 19.48
CA LYS D 196 16.65 -0.77 18.23
C LYS D 196 17.93 0.06 18.35
N ALA D 197 18.79 -0.30 19.30
CA ALA D 197 20.05 0.38 19.51
C ALA D 197 21.16 -0.42 18.84
N SER D 198 22.14 0.31 18.28
CA SER D 198 23.33 -0.29 17.73
C SER D 198 24.36 -0.45 18.84
N PRO D 199 24.80 -1.68 19.19
CA PRO D 199 25.87 -1.82 20.17
C PRO D 199 27.10 -1.02 19.82
N VAL D 200 27.52 -1.07 18.56
CA VAL D 200 28.75 -0.43 18.13
C VAL D 200 28.62 1.10 18.25
N ASP D 201 27.48 1.67 17.85
CA ASP D 201 27.34 3.12 17.92
C ASP D 201 27.34 3.59 19.38
N TYR D 202 26.72 2.81 20.27
CA TYR D 202 26.79 3.06 21.71
C TYR D 202 28.25 3.03 22.19
N PHE D 203 29.00 2.00 21.76
CA PHE D 203 30.41 1.95 22.08
C PHE D 203 31.09 3.27 21.72
N HIS D 204 30.81 3.77 20.51
CA HIS D 204 31.56 4.88 19.95
C HIS D 204 31.11 6.19 20.59
N LYS D 205 29.87 6.22 21.08
CA LYS D 205 29.38 7.40 21.75
C LYS D 205 29.93 7.53 23.17
N TYR D 206 30.20 6.41 23.84
CA TYR D 206 30.58 6.43 25.23
C TYR D 206 31.79 5.52 25.38
N PRO D 207 32.92 5.82 24.72
CA PRO D 207 34.10 4.96 24.79
C PRO D 207 34.49 4.72 26.25
N GLY D 208 34.88 3.48 26.52
CA GLY D 208 35.49 3.05 27.76
C GLY D 208 34.48 2.72 28.85
N ARG D 209 33.19 3.01 28.63
CA ARG D 209 32.22 2.83 29.70
C ARG D 209 31.64 1.42 29.72
N PHE D 210 31.94 0.59 28.71
CA PHE D 210 31.36 -0.73 28.61
C PHE D 210 32.39 -1.76 29.05
N LYS D 211 32.57 -1.90 30.35
CA LYS D 211 33.67 -2.71 30.87
C LYS D 211 33.33 -4.20 30.83
N MET D 212 32.03 -4.52 30.74
CA MET D 212 31.63 -5.89 30.53
C MET D 212 30.55 -5.94 29.46
N LEU D 213 30.43 -7.10 28.82
CA LEU D 213 29.29 -7.35 27.93
C LEU D 213 28.53 -8.57 28.44
N HIS D 214 27.20 -8.52 28.34
CA HIS D 214 26.38 -9.72 28.24
C HIS D 214 26.28 -10.12 26.78
N ILE D 215 26.89 -11.27 26.51
CA ILE D 215 26.78 -11.92 25.22
C ILE D 215 25.53 -12.77 25.31
N LYS D 216 24.43 -12.18 24.82
CA LYS D 216 23.12 -12.81 24.81
C LYS D 216 22.58 -12.82 23.40
N ASP D 217 21.70 -13.78 23.15
CA ASP D 217 21.02 -13.86 21.86
C ASP D 217 19.59 -14.28 22.19
N ARG D 218 18.79 -14.58 21.16
CA ARG D 218 17.43 -15.03 21.40
C ARG D 218 17.47 -16.36 22.16
N ARG D 219 18.26 -17.31 21.66
CA ARG D 219 18.48 -18.57 22.34
C ARG D 219 19.99 -18.77 22.38
N GLU D 220 20.50 -19.79 21.68
CA GLU D 220 21.93 -20.02 21.68
C GLU D 220 22.62 -18.83 21.02
N ILE D 221 23.81 -18.52 21.55
CA ILE D 221 24.61 -17.43 21.03
C ILE D 221 25.01 -17.71 19.58
N GLY D 222 24.74 -16.74 18.71
CA GLY D 222 25.16 -16.82 17.32
C GLY D 222 24.18 -17.61 16.44
N GLN D 223 23.02 -18.01 16.98
CA GLN D 223 22.07 -18.85 16.26
C GLN D 223 21.01 -18.02 15.49
N SER D 224 20.58 -16.84 15.99
CA SER D 224 19.30 -16.25 15.56
C SER D 224 19.41 -15.45 14.27
N GLY D 225 20.61 -14.89 14.04
CA GLY D 225 20.76 -13.83 13.07
C GLY D 225 20.46 -12.43 13.60
N MET D 226 20.16 -12.27 14.90
CA MET D 226 19.71 -10.97 15.39
C MET D 226 20.83 -10.16 16.05
N VAL D 227 22.05 -10.67 16.10
CA VAL D 227 23.11 -9.99 16.82
C VAL D 227 24.40 -10.16 16.04
N GLY D 228 25.02 -9.03 15.68
CA GLY D 228 26.27 -9.05 14.94
C GLY D 228 27.46 -9.07 15.89
N PHE D 229 27.74 -10.27 16.44
CA PHE D 229 28.84 -10.42 17.37
C PHE D 229 30.17 -10.02 16.73
N ASP D 230 30.34 -10.25 15.43
CA ASP D 230 31.58 -9.91 14.76
C ASP D 230 31.88 -8.42 14.97
N ALA D 231 30.89 -7.57 14.71
CA ALA D 231 31.08 -6.14 14.80
C ALA D 231 31.28 -5.71 16.25
N ILE D 232 30.47 -6.26 17.15
CA ILE D 232 30.61 -5.97 18.57
C ILE D 232 32.04 -6.24 19.04
N PHE D 233 32.56 -7.43 18.71
CA PHE D 233 33.87 -7.86 19.17
C PHE D 233 34.99 -7.07 18.54
N GLU D 234 34.80 -6.66 17.29
CA GLU D 234 35.75 -5.78 16.62
C GLU D 234 35.86 -4.44 17.32
N ASN D 235 34.83 -4.01 18.05
CA ASN D 235 34.81 -2.67 18.62
C ASN D 235 35.00 -2.70 20.15
N ALA D 236 35.28 -3.89 20.66
CA ALA D 236 35.22 -4.15 22.09
C ALA D 236 36.33 -3.42 22.82
N LYS D 237 37.48 -3.28 22.15
CA LYS D 237 38.63 -2.61 22.72
C LYS D 237 38.26 -1.22 23.21
N THR D 238 37.80 -0.39 22.27
CA THR D 238 37.55 1.01 22.54
C THR D 238 36.28 1.17 23.37
N ALA D 239 35.37 0.18 23.29
CA ALA D 239 34.24 0.15 24.19
C ALA D 239 34.69 0.11 25.64
N GLY D 240 35.85 -0.51 25.89
CA GLY D 240 36.42 -0.67 27.22
C GLY D 240 36.25 -2.09 27.78
N VAL D 241 35.87 -3.07 26.95
CA VAL D 241 35.48 -4.38 27.43
C VAL D 241 36.66 -5.09 28.11
N GLU D 242 36.44 -5.56 29.36
CA GLU D 242 37.43 -6.29 30.14
C GLU D 242 37.06 -7.78 30.21
N ASN D 243 35.77 -8.09 30.23
CA ASN D 243 35.30 -9.46 30.36
C ASN D 243 33.97 -9.62 29.62
N ILE D 244 33.74 -10.82 29.10
CA ILE D 244 32.47 -11.12 28.43
C ILE D 244 31.78 -12.24 29.17
N ILE D 245 30.46 -12.09 29.31
CA ILE D 245 29.63 -13.02 30.01
C ILE D 245 28.54 -13.52 29.05
N VAL D 246 28.52 -14.85 28.84
CA VAL D 246 27.46 -15.51 28.11
C VAL D 246 26.19 -15.58 28.96
N GLU D 247 25.07 -15.27 28.32
CA GLU D 247 23.77 -15.42 28.96
C GLU D 247 22.83 -16.11 27.99
N VAL D 248 22.20 -17.15 28.51
CA VAL D 248 21.21 -17.88 27.76
C VAL D 248 20.03 -18.15 28.68
N GLU D 249 18.87 -17.68 28.24
CA GLU D 249 17.67 -17.69 29.03
C GLU D 249 16.55 -18.51 28.40
N GLN D 250 16.63 -18.70 27.06
CA GLN D 250 15.69 -19.52 26.31
C GLN D 250 16.51 -20.47 25.44
N TYR D 251 16.01 -21.68 25.27
CA TYR D 251 16.84 -22.79 24.88
C TYR D 251 16.17 -23.56 23.76
N SER D 252 16.93 -23.94 22.74
CA SER D 252 16.46 -24.81 21.68
C SER D 252 16.57 -26.28 22.16
N TYR D 253 17.39 -26.50 23.20
CA TYR D 253 17.80 -27.81 23.62
C TYR D 253 17.75 -27.87 25.13
N ASP D 254 18.22 -28.99 25.67
CA ASP D 254 18.46 -29.07 27.11
C ASP D 254 19.50 -28.00 27.45
N VAL D 255 19.50 -27.55 28.70
CA VAL D 255 20.24 -26.36 29.08
C VAL D 255 21.74 -26.58 28.88
N GLU D 256 22.24 -27.74 29.29
CA GLU D 256 23.67 -28.02 29.17
C GLU D 256 24.12 -27.91 27.71
N LYS D 257 23.43 -28.60 26.80
CA LYS D 257 23.79 -28.53 25.40
C LYS D 257 23.70 -27.07 24.90
N SER D 258 22.67 -26.35 25.29
CA SER D 258 22.48 -24.98 24.83
C SER D 258 23.62 -24.05 25.27
N VAL D 259 24.06 -24.16 26.56
CA VAL D 259 25.11 -23.28 27.06
C VAL D 259 26.46 -23.69 26.48
N LYS D 260 26.64 -24.99 26.19
CA LYS D 260 27.89 -25.48 25.59
C LYS D 260 28.01 -25.00 24.15
N LEU D 261 26.92 -25.08 23.38
CA LEU D 261 26.97 -24.64 21.98
C LEU D 261 27.26 -23.15 21.92
N SER D 262 26.70 -22.41 22.91
CA SER D 262 26.90 -20.98 23.04
C SER D 262 28.38 -20.66 23.25
N LEU D 263 29.05 -21.40 24.15
CA LEU D 263 30.47 -21.24 24.36
C LEU D 263 31.24 -21.55 23.07
N ASP D 264 30.84 -22.65 22.42
CA ASP D 264 31.53 -23.16 21.24
C ASP D 264 31.54 -22.15 20.10
N TYR D 265 30.43 -21.44 19.88
CA TYR D 265 30.41 -20.34 18.90
C TYR D 265 31.55 -19.35 19.15
N LEU D 266 31.77 -18.94 20.42
CA LEU D 266 32.75 -17.91 20.73
C LEU D 266 34.18 -18.45 20.66
N LEU D 267 34.35 -19.70 21.11
CA LEU D 267 35.60 -20.42 20.93
C LEU D 267 35.99 -20.52 19.44
N GLU D 268 35.00 -20.77 18.57
CA GLU D 268 35.25 -20.92 17.14
C GLU D 268 35.34 -19.57 16.43
N ALA D 269 34.78 -18.49 16.99
CA ALA D 269 34.74 -17.21 16.29
C ALA D 269 36.13 -16.59 16.28
N PRO D 270 36.74 -16.33 15.09
CA PRO D 270 38.07 -15.72 15.01
C PRO D 270 38.12 -14.36 15.69
N PHE D 271 36.98 -13.65 15.69
CA PHE D 271 36.89 -12.28 16.16
C PHE D 271 36.84 -12.21 17.70
N VAL D 272 36.69 -13.36 18.39
CA VAL D 272 36.74 -13.37 19.83
C VAL D 272 38.17 -13.67 20.30
N LYS D 273 38.78 -12.68 20.96
CA LYS D 273 40.13 -12.82 21.49
C LYS D 273 40.16 -13.74 22.71
N ALA D 274 41.38 -14.16 23.03
CA ALA D 274 41.66 -15.06 24.13
C ALA D 274 41.36 -14.38 25.47
N SER D 275 41.55 -13.06 25.52
CA SER D 275 41.33 -12.36 26.78
C SER D 275 41.04 -10.90 26.51
N TYR D 276 40.08 -10.30 27.21
CA TYR D 276 39.88 -8.86 27.15
C TYR D 276 40.51 -8.14 28.36
N SER D 277 41.15 -8.85 29.28
CA SER D 277 41.90 -8.22 30.36
C SER D 277 43.32 -8.82 30.47
CO CO E . -16.12 17.81 -25.17
C1 GOL F . -13.76 20.01 -30.81
O1 GOL F . -12.61 20.71 -30.39
C2 GOL F . -13.89 18.68 -30.11
O2 GOL F . -12.72 17.89 -30.24
C3 GOL F . -14.19 18.86 -28.64
O3 GOL F . -15.43 19.56 -28.48
C ACT G . -1.81 24.58 -26.74
O ACT G . -1.48 23.40 -27.03
OXT ACT G . -2.47 25.31 -27.52
CH3 ACT G . -1.40 25.14 -25.34
CO CO H . -22.11 -4.19 -6.48
C1 GOL I . -20.32 -6.82 -4.12
O1 GOL I . -21.71 -6.76 -3.76
C2 GOL I . -19.62 -8.04 -3.55
O2 GOL I . -18.28 -7.76 -3.17
C3 GOL I . -20.34 -8.66 -2.39
O3 GOL I . -20.49 -10.04 -2.64
CO CO J . 16.05 -3.53 1.83
C1 GOL K . 14.01 0.49 -2.95
O1 GOL K . 12.82 -0.10 -3.47
C2 GOL K . 14.05 0.42 -1.45
O2 GOL K . 12.91 1.05 -0.88
C3 GOL K . 14.13 -1.00 -0.95
O3 GOL K . 15.27 -1.67 -1.48
CO CO L . 21.46 -10.70 29.97
C1 GOL M . 19.63 -12.00 35.55
O1 GOL M . 20.12 -10.77 36.06
C2 GOL M . 19.17 -11.84 34.11
O2 GOL M . 17.95 -11.09 34.05
C3 GOL M . 20.23 -11.17 33.27
O3 GOL M . 21.51 -11.73 33.54
C ACT N . 19.96 -0.48 42.37
O ACT N . 20.48 -1.50 42.88
OXT ACT N . 18.77 -0.43 41.98
CH3 ACT N . 20.82 0.79 42.20
#